data_9D2T
#
_entry.id   9D2T
#
_cell.length_a   88.921
_cell.length_b   88.921
_cell.length_c   213.164
_cell.angle_alpha   90.000
_cell.angle_beta   90.000
_cell.angle_gamma   90.000
#
_symmetry.space_group_name_H-M   'I 41'
#
loop_
_entity.id
_entity.type
_entity.pdbx_description
1 polymer 'L-threonine dehydratase biosynthetic IlvA'
2 water water
#
_entity_poly.entity_id   1
_entity_poly.type   'polypeptide(L)'
_entity_poly.pdbx_seq_one_letter_code
;MGSSHHHHHHSSGLVPRGSHEMKHYFILNFPQRPGALREFVNDVLGPQDDITKFEYLKKSSQNTGTVIIGIQLKDHDDLI
QLKQRVNHFDPSNIYINENKMLYSLLI
;
_entity_poly.pdbx_strand_id   A,B,C,D,E,F,H,G
#
# COMPACT_ATOMS: atom_id res chain seq x y z
N GLU A 21 -40.79 -11.95 -5.81
CA GLU A 21 -39.43 -11.62 -6.19
C GLU A 21 -38.68 -10.93 -5.06
N MET A 22 -37.58 -11.54 -4.61
CA MET A 22 -36.75 -10.98 -3.56
C MET A 22 -35.57 -10.19 -4.10
N LYS A 23 -35.26 -10.33 -5.38
CA LYS A 23 -34.19 -9.60 -6.04
C LYS A 23 -34.81 -8.71 -7.12
N HIS A 24 -34.64 -7.41 -6.97
CA HIS A 24 -35.21 -6.42 -7.87
C HIS A 24 -34.09 -5.68 -8.59
N TYR A 25 -34.35 -5.32 -9.84
CA TYR A 25 -33.34 -4.71 -10.70
C TYR A 25 -33.87 -3.42 -11.30
N PHE A 26 -33.02 -2.40 -11.31
CA PHE A 26 -33.39 -1.07 -11.76
C PHE A 26 -32.35 -0.54 -12.73
N ILE A 27 -32.73 0.52 -13.46
CA ILE A 27 -31.84 1.25 -14.34
C ILE A 27 -31.83 2.72 -13.90
N LEU A 28 -30.64 3.25 -13.63
CA LEU A 28 -30.51 4.61 -13.13
C LEU A 28 -29.45 5.37 -13.90
N ASN A 29 -29.76 6.63 -14.21
CA ASN A 29 -28.77 7.59 -14.69
C ASN A 29 -28.23 8.30 -13.45
N PHE A 30 -27.10 7.82 -12.95
CA PHE A 30 -26.64 8.20 -11.62
C PHE A 30 -26.42 9.71 -11.53
N PRO A 31 -26.95 10.38 -10.51
CA PRO A 31 -26.76 11.83 -10.40
C PRO A 31 -25.32 12.19 -10.10
N GLN A 32 -24.91 13.34 -10.64
CA GLN A 32 -23.57 13.86 -10.44
C GLN A 32 -23.39 14.55 -9.10
N ARG A 33 -24.44 14.60 -8.27
CA ARG A 33 -24.34 15.18 -6.94
C ARG A 33 -23.32 14.37 -6.13
N PRO A 34 -22.38 15.01 -5.46
CA PRO A 34 -21.36 14.26 -4.72
C PRO A 34 -21.98 13.42 -3.60
N GLY A 35 -21.37 12.26 -3.35
CA GLY A 35 -21.91 11.35 -2.37
C GLY A 35 -23.17 10.65 -2.82
N ALA A 36 -23.35 10.46 -4.12
CA ALA A 36 -24.55 9.81 -4.63
C ALA A 36 -24.61 8.34 -4.21
N LEU A 37 -23.46 7.65 -4.24
CA LEU A 37 -23.45 6.26 -3.83
C LEU A 37 -23.74 6.13 -2.33
N ARG A 38 -23.22 7.08 -1.53
CA ARG A 38 -23.58 7.11 -0.12
C ARG A 38 -25.06 7.44 0.05
N GLU A 39 -25.57 8.36 -0.77
CA GLU A 39 -26.98 8.70 -0.73
C GLU A 39 -27.85 7.50 -1.10
N PHE A 40 -27.39 6.70 -2.05
CA PHE A 40 -28.17 5.52 -2.46
C PHE A 40 -28.12 4.44 -1.39
N VAL A 41 -26.98 4.29 -0.72
CA VAL A 41 -26.82 3.21 0.26
C VAL A 41 -27.54 3.53 1.57
N ASN A 42 -27.45 4.77 2.04
CA ASN A 42 -28.00 5.12 3.34
C ASN A 42 -29.44 5.60 3.28
N ASP A 43 -29.87 6.20 2.18
CA ASP A 43 -31.20 6.77 2.07
C ASP A 43 -32.09 6.02 1.09
N VAL A 44 -31.60 5.75 -0.12
CA VAL A 44 -32.42 5.02 -1.09
C VAL A 44 -32.51 3.54 -0.73
N LEU A 45 -31.54 3.03 0.03
CA LEU A 45 -31.52 1.64 0.45
C LEU A 45 -31.96 1.50 1.89
N GLY A 46 -32.53 0.34 2.22
CA GLY A 46 -32.90 0.02 3.57
C GLY A 46 -31.74 -0.57 4.33
N PRO A 47 -31.81 -0.53 5.66
CA PRO A 47 -30.71 -1.09 6.47
C PRO A 47 -30.59 -2.59 6.36
N GLN A 48 -31.69 -3.29 6.12
CA GLN A 48 -31.68 -4.74 5.96
C GLN A 48 -31.64 -5.17 4.49
N ASP A 49 -31.47 -4.22 3.57
CA ASP A 49 -31.47 -4.49 2.15
C ASP A 49 -30.06 -4.40 1.60
N ASP A 50 -29.77 -5.21 0.58
CA ASP A 50 -28.44 -5.33 0.00
C ASP A 50 -28.51 -5.18 -1.51
N ILE A 51 -27.40 -4.74 -2.08
CA ILE A 51 -27.25 -4.61 -3.53
C ILE A 51 -26.49 -5.81 -4.06
N THR A 52 -27.04 -6.46 -5.10
CA THR A 52 -26.46 -7.67 -5.66
C THR A 52 -25.80 -7.46 -7.02
N LYS A 53 -25.97 -6.31 -7.65
CA LYS A 53 -25.41 -6.07 -8.97
C LYS A 53 -25.21 -4.57 -9.18
N PHE A 54 -24.04 -4.19 -9.68
CA PHE A 54 -23.73 -2.79 -9.98
C PHE A 54 -22.88 -2.80 -11.25
N GLU A 55 -23.54 -2.83 -12.40
CA GLU A 55 -22.86 -2.99 -13.68
C GLU A 55 -23.30 -1.89 -14.64
N TYR A 56 -22.35 -1.07 -15.08
CA TYR A 56 -22.62 -0.07 -16.10
C TYR A 56 -22.94 -0.73 -17.44
N LEU A 57 -23.60 0.03 -18.31
CA LEU A 57 -23.93 -0.42 -19.66
C LEU A 57 -24.15 0.83 -20.50
N LYS A 58 -23.09 1.32 -21.13
CA LYS A 58 -23.15 2.55 -21.93
C LYS A 58 -22.14 2.53 -23.07
N SER A 61 -18.19 5.46 -23.57
CA SER A 61 -18.48 5.28 -22.15
C SER A 61 -17.57 6.16 -21.33
N GLN A 62 -17.89 6.28 -20.05
CA GLN A 62 -17.13 7.12 -19.12
C GLN A 62 -17.59 6.77 -17.71
N ASN A 63 -16.99 7.45 -16.74
CA ASN A 63 -17.45 7.29 -15.36
C ASN A 63 -18.87 7.80 -15.21
N THR A 64 -19.23 8.82 -15.97
CA THR A 64 -20.62 9.26 -16.09
C THR A 64 -21.35 8.29 -17.02
N GLY A 65 -22.25 7.49 -16.47
CA GLY A 65 -22.86 6.45 -17.26
C GLY A 65 -24.17 5.98 -16.66
N THR A 66 -24.82 5.08 -17.38
CA THR A 66 -26.05 4.43 -16.94
C THR A 66 -25.72 3.09 -16.32
N VAL A 67 -26.23 2.84 -15.12
CA VAL A 67 -25.87 1.67 -14.34
C VAL A 67 -27.10 0.78 -14.17
N ILE A 68 -26.87 -0.53 -14.17
CA ILE A 68 -27.92 -1.51 -13.87
C ILE A 68 -27.68 -2.02 -12.45
N ILE A 69 -28.62 -1.74 -11.56
CA ILE A 69 -28.48 -2.06 -10.14
C ILE A 69 -29.48 -3.14 -9.76
N GLY A 70 -29.05 -4.07 -8.91
CA GLY A 70 -29.91 -5.09 -8.36
C GLY A 70 -29.96 -5.05 -6.85
N ILE A 71 -31.16 -5.06 -6.28
CA ILE A 71 -31.37 -4.88 -4.85
C ILE A 71 -32.14 -6.06 -4.28
N GLN A 72 -31.68 -6.56 -3.14
CA GLN A 72 -32.37 -7.60 -2.38
C GLN A 72 -33.02 -6.98 -1.16
N LEU A 73 -34.30 -7.27 -0.96
CA LEU A 73 -35.07 -6.72 0.16
C LEU A 73 -35.24 -7.77 1.25
N LYS A 74 -35.15 -7.32 2.51
CA LYS A 74 -35.47 -8.19 3.64
C LYS A 74 -36.93 -8.63 3.60
N ASP A 75 -37.83 -7.72 3.24
CA ASP A 75 -39.24 -8.00 3.12
C ASP A 75 -39.77 -7.39 1.83
N HIS A 76 -40.72 -8.10 1.21
CA HIS A 76 -41.32 -7.66 -0.04
C HIS A 76 -42.24 -6.47 0.12
N ASP A 77 -42.77 -6.23 1.33
CA ASP A 77 -43.69 -5.12 1.55
C ASP A 77 -43.04 -3.77 1.33
N ASP A 78 -41.71 -3.70 1.36
CA ASP A 78 -40.97 -2.46 1.22
C ASP A 78 -40.66 -2.12 -0.24
N LEU A 79 -41.21 -2.86 -1.20
CA LEU A 79 -40.87 -2.64 -2.60
C LEU A 79 -41.51 -1.37 -3.12
N ILE A 80 -42.80 -1.16 -2.84
CA ILE A 80 -43.49 0.04 -3.32
C ILE A 80 -42.78 1.29 -2.82
N GLN A 81 -42.44 1.32 -1.53
CA GLN A 81 -41.75 2.49 -0.98
C GLN A 81 -40.33 2.58 -1.52
N LEU A 82 -39.72 1.45 -1.84
CA LEU A 82 -38.39 1.47 -2.44
C LEU A 82 -38.41 2.14 -3.81
N LYS A 83 -39.40 1.78 -4.63
CA LYS A 83 -39.52 2.39 -5.96
C LYS A 83 -39.62 3.91 -5.87
N GLN A 84 -40.38 4.40 -4.89
CA GLN A 84 -40.53 5.83 -4.71
C GLN A 84 -39.22 6.48 -4.30
N ARG A 85 -38.43 5.81 -3.45
CA ARG A 85 -37.13 6.33 -3.08
C ARG A 85 -36.19 6.36 -4.29
N VAL A 86 -36.27 5.34 -5.16
CA VAL A 86 -35.47 5.34 -6.37
C VAL A 86 -35.95 6.42 -7.32
N ASN A 87 -37.26 6.69 -7.36
CA ASN A 87 -37.78 7.75 -8.21
C ASN A 87 -37.30 9.12 -7.76
N HIS A 88 -37.19 9.32 -6.45
CA HIS A 88 -36.65 10.59 -5.95
C HIS A 88 -35.17 10.72 -6.23
N PHE A 89 -34.45 9.59 -6.29
CA PHE A 89 -33.02 9.58 -6.58
C PHE A 89 -32.73 9.84 -8.06
N ASP A 90 -33.48 9.18 -8.95
CA ASP A 90 -33.34 9.37 -10.39
C ASP A 90 -34.72 9.29 -11.01
N PRO A 91 -35.36 10.44 -11.22
CA PRO A 91 -36.76 10.44 -11.71
C PRO A 91 -36.94 9.67 -13.01
N SER A 92 -35.90 9.57 -13.83
CA SER A 92 -35.97 8.79 -15.06
C SER A 92 -35.51 7.36 -14.86
N ASN A 93 -35.60 6.83 -13.64
CA ASN A 93 -35.21 5.45 -13.40
C ASN A 93 -36.21 4.50 -14.06
N ILE A 94 -35.80 3.24 -14.20
CA ILE A 94 -36.59 2.23 -14.89
C ILE A 94 -36.55 0.94 -14.09
N TYR A 95 -37.72 0.43 -13.73
CA TYR A 95 -37.82 -0.84 -13.03
C TYR A 95 -37.84 -1.97 -14.06
N ILE A 96 -36.88 -2.89 -13.96
CA ILE A 96 -36.69 -3.86 -15.02
C ILE A 96 -37.59 -5.08 -14.84
N ASN A 97 -37.90 -5.46 -13.59
CA ASN A 97 -38.60 -6.71 -13.34
C ASN A 97 -40.00 -6.74 -13.94
N GLU A 98 -40.58 -5.60 -14.31
CA GLU A 98 -41.91 -5.56 -14.89
C GLU A 98 -41.88 -5.40 -16.41
N ASN A 99 -40.75 -5.70 -17.05
CA ASN A 99 -40.65 -5.75 -18.51
C ASN A 99 -39.89 -7.01 -18.87
N LYS A 100 -40.57 -7.98 -19.46
CA LYS A 100 -39.93 -9.26 -19.75
C LYS A 100 -38.81 -9.11 -20.77
N MET A 101 -38.96 -8.17 -21.71
CA MET A 101 -37.94 -7.97 -22.72
C MET A 101 -36.62 -7.51 -22.10
N LEU A 102 -36.69 -6.52 -21.21
CA LEU A 102 -35.47 -6.03 -20.57
C LEU A 102 -34.92 -7.04 -19.59
N TYR A 103 -35.80 -7.76 -18.87
CA TYR A 103 -35.33 -8.77 -17.93
C TYR A 103 -34.59 -9.90 -18.65
N SER A 104 -35.11 -10.32 -19.81
CA SER A 104 -34.45 -11.38 -20.56
C SER A 104 -33.14 -10.89 -21.17
N LEU A 105 -33.10 -9.63 -21.59
CA LEU A 105 -31.93 -9.11 -22.29
C LEU A 105 -30.81 -8.70 -21.34
N LEU A 106 -31.16 -8.11 -20.19
CA LEU A 106 -30.17 -7.53 -19.30
C LEU A 106 -29.80 -8.41 -18.11
N ILE A 107 -30.59 -9.44 -17.82
CA ILE A 107 -30.35 -10.26 -16.64
C ILE A 107 -30.20 -11.73 -16.99
N MET B 22 -5.35 14.30 -5.02
CA MET B 22 -6.63 14.47 -4.32
C MET B 22 -7.60 13.35 -4.67
N LYS B 23 -7.46 12.78 -5.85
CA LYS B 23 -8.23 11.62 -6.28
C LYS B 23 -7.34 10.39 -6.18
N HIS B 24 -7.70 9.47 -5.30
CA HIS B 24 -6.90 8.29 -5.01
C HIS B 24 -7.70 7.05 -5.34
N TYR B 25 -7.07 6.11 -6.04
CA TYR B 25 -7.75 4.96 -6.62
C TYR B 25 -7.20 3.68 -6.02
N PHE B 26 -8.09 2.72 -5.80
CA PHE B 26 -7.75 1.43 -5.22
C PHE B 26 -8.35 0.30 -6.06
N ILE B 27 -7.93 -0.91 -5.77
CA ILE B 27 -8.50 -2.13 -6.34
C ILE B 27 -8.72 -3.11 -5.20
N LEU B 28 -9.98 -3.49 -4.97
CA LEU B 28 -10.33 -4.34 -3.84
C LEU B 28 -11.06 -5.58 -4.30
N ASN B 29 -11.16 -6.54 -3.39
CA ASN B 29 -12.01 -7.72 -3.56
C ASN B 29 -13.07 -7.64 -2.47
N PHE B 30 -14.25 -7.11 -2.83
CA PHE B 30 -15.29 -6.91 -1.84
C PHE B 30 -15.73 -8.23 -1.24
N PRO B 31 -15.85 -8.32 0.08
CA PRO B 31 -16.32 -9.58 0.69
C PRO B 31 -17.74 -9.90 0.26
N GLN B 32 -17.97 -11.19 0.00
CA GLN B 32 -19.32 -11.68 -0.30
C GLN B 32 -20.27 -11.52 0.86
N ARG B 33 -19.75 -11.18 2.04
CA ARG B 33 -20.58 -10.93 3.20
C ARG B 33 -21.58 -9.80 2.90
N PRO B 34 -22.86 -10.01 3.16
CA PRO B 34 -23.87 -8.99 2.81
C PRO B 34 -23.66 -7.70 3.59
N GLY B 35 -24.19 -6.61 3.02
CA GLY B 35 -24.05 -5.31 3.63
C GLY B 35 -22.62 -4.78 3.67
N ALA B 36 -21.75 -5.30 2.80
CA ALA B 36 -20.35 -4.90 2.82
C ALA B 36 -20.19 -3.46 2.32
N LEU B 37 -20.90 -3.11 1.24
CA LEU B 37 -20.78 -1.75 0.72
C LEU B 37 -21.37 -0.74 1.70
N ARG B 38 -22.45 -1.12 2.39
CA ARG B 38 -22.95 -0.27 3.47
C ARG B 38 -21.90 -0.12 4.57
N GLU B 39 -21.18 -1.21 4.86
CA GLU B 39 -20.09 -1.12 5.83
C GLU B 39 -18.95 -0.26 5.29
N PHE B 40 -18.68 -0.35 3.99
CA PHE B 40 -17.61 0.43 3.39
C PHE B 40 -17.93 1.91 3.40
N VAL B 41 -19.16 2.27 3.04
CA VAL B 41 -19.52 3.69 2.96
C VAL B 41 -19.55 4.32 4.34
N ASN B 42 -20.14 3.63 5.32
CA ASN B 42 -20.37 4.23 6.62
C ASN B 42 -19.16 4.12 7.55
N ASP B 43 -18.28 3.14 7.33
CA ASP B 43 -17.15 2.92 8.23
C ASP B 43 -15.81 3.20 7.58
N VAL B 44 -15.57 2.64 6.39
CA VAL B 44 -14.24 2.73 5.79
C VAL B 44 -13.98 4.14 5.28
N LEU B 45 -15.01 4.85 4.84
CA LEU B 45 -14.87 6.18 4.28
C LEU B 45 -15.33 7.24 5.26
N GLY B 46 -14.83 8.46 5.06
CA GLY B 46 -15.18 9.57 5.90
C GLY B 46 -16.42 10.29 5.40
N PRO B 47 -16.90 11.26 6.18
CA PRO B 47 -18.12 11.97 5.78
C PRO B 47 -17.93 12.86 4.56
N GLN B 48 -16.78 13.52 4.45
CA GLN B 48 -16.53 14.39 3.31
C GLN B 48 -15.93 13.66 2.11
N ASP B 49 -15.53 12.40 2.27
CA ASP B 49 -14.98 11.64 1.17
C ASP B 49 -16.11 11.13 0.27
N ASP B 50 -15.84 11.11 -1.03
CA ASP B 50 -16.84 10.77 -2.03
C ASP B 50 -16.27 9.76 -3.01
N ILE B 51 -17.08 8.75 -3.34
CA ILE B 51 -16.68 7.75 -4.33
C ILE B 51 -16.91 8.31 -5.73
N THR B 52 -15.84 8.35 -6.53
CA THR B 52 -15.92 8.90 -7.87
C THR B 52 -15.93 7.82 -8.96
N LYS B 53 -15.71 6.56 -8.60
CA LYS B 53 -15.67 5.47 -9.56
C LYS B 53 -16.00 4.17 -8.85
N PHE B 54 -16.70 3.27 -9.56
CA PHE B 54 -17.08 1.99 -9.01
C PHE B 54 -17.38 1.08 -10.20
N GLU B 55 -16.30 0.55 -10.78
CA GLU B 55 -16.35 -0.28 -11.98
C GLU B 55 -15.76 -1.65 -11.66
N TYR B 56 -16.47 -2.70 -12.08
CA TYR B 56 -16.02 -4.07 -11.94
C TYR B 56 -14.95 -4.42 -12.98
N GLY B 65 -14.27 -11.09 -7.43
CA GLY B 65 -15.03 -9.87 -7.67
C GLY B 65 -14.21 -8.61 -7.50
N THR B 66 -13.27 -8.40 -8.42
CA THR B 66 -12.41 -7.22 -8.35
C THR B 66 -13.20 -5.97 -8.70
N VAL B 67 -13.02 -4.92 -7.90
CA VAL B 67 -13.72 -3.66 -8.06
C VAL B 67 -12.69 -2.54 -8.09
N ILE B 68 -12.73 -1.73 -9.14
CA ILE B 68 -11.95 -0.50 -9.23
C ILE B 68 -12.79 0.63 -8.65
N ILE B 69 -12.18 1.45 -7.80
CA ILE B 69 -12.89 2.51 -7.10
C ILE B 69 -11.99 3.73 -6.99
N GLY B 70 -12.52 4.90 -7.30
CA GLY B 70 -11.81 6.17 -7.13
C GLY B 70 -12.51 7.01 -6.07
N ILE B 71 -11.72 7.51 -5.13
CA ILE B 71 -12.22 8.27 -3.99
C ILE B 71 -11.52 9.62 -3.96
N GLN B 72 -12.31 10.69 -3.90
CA GLN B 72 -11.78 12.04 -3.81
C GLN B 72 -11.70 12.46 -2.35
N LEU B 73 -10.59 13.11 -2.00
CA LEU B 73 -10.30 13.50 -0.63
C LEU B 73 -10.31 15.01 -0.51
N LYS B 74 -10.95 15.52 0.55
CA LYS B 74 -10.96 16.97 0.78
C LYS B 74 -9.57 17.47 1.17
N ASP B 75 -8.78 16.63 1.82
CA ASP B 75 -7.43 16.99 2.23
C ASP B 75 -6.52 15.80 2.02
N HIS B 76 -5.30 16.08 1.55
CA HIS B 76 -4.33 15.02 1.32
C HIS B 76 -3.80 14.43 2.62
N ASP B 77 -3.97 15.13 3.75
CA ASP B 77 -3.48 14.64 5.03
C ASP B 77 -4.33 13.51 5.60
N ASP B 78 -5.41 13.13 4.93
CA ASP B 78 -6.29 12.05 5.36
C ASP B 78 -6.07 10.77 4.57
N LEU B 79 -5.09 10.74 3.67
CA LEU B 79 -4.94 9.59 2.78
C LEU B 79 -4.38 8.38 3.51
N ILE B 80 -3.38 8.59 4.37
CA ILE B 80 -2.71 7.46 5.02
C ILE B 80 -3.68 6.68 5.89
N GLN B 81 -4.52 7.39 6.65
CA GLN B 81 -5.49 6.71 7.50
C GLN B 81 -6.53 5.97 6.67
N LEU B 82 -6.91 6.53 5.51
CA LEU B 82 -7.80 5.82 4.62
C LEU B 82 -7.16 4.53 4.11
N LYS B 83 -5.88 4.58 3.77
CA LYS B 83 -5.17 3.38 3.33
C LYS B 83 -5.25 2.29 4.40
N GLN B 84 -5.09 2.67 5.68
CA GLN B 84 -5.14 1.68 6.75
C GLN B 84 -6.52 1.05 6.84
N ARG B 85 -7.57 1.87 6.74
CA ARG B 85 -8.93 1.34 6.83
C ARG B 85 -9.24 0.41 5.67
N VAL B 86 -8.69 0.71 4.49
CA VAL B 86 -8.91 -0.16 3.34
C VAL B 86 -8.23 -1.51 3.55
N ASN B 87 -7.06 -1.50 4.19
CA ASN B 87 -6.37 -2.77 4.48
C ASN B 87 -7.18 -3.63 5.44
N HIS B 88 -7.93 -3.00 6.35
CA HIS B 88 -8.79 -3.76 7.25
C HIS B 88 -9.97 -4.37 6.50
N PHE B 89 -10.57 -3.60 5.59
CA PHE B 89 -11.71 -4.11 4.83
C PHE B 89 -11.29 -5.22 3.88
N ASP B 90 -10.24 -4.98 3.11
CA ASP B 90 -9.69 -5.98 2.19
C ASP B 90 -8.17 -5.96 2.28
N PRO B 91 -7.56 -6.94 2.95
CA PRO B 91 -6.09 -7.04 2.94
C PRO B 91 -5.52 -7.23 1.55
N SER B 92 -6.32 -7.70 0.61
CA SER B 92 -5.90 -7.84 -0.78
C SER B 92 -6.00 -6.53 -1.55
N ASN B 93 -6.12 -5.40 -0.86
CA ASN B 93 -6.27 -4.12 -1.53
C ASN B 93 -5.01 -3.75 -2.30
N ILE B 94 -5.19 -3.01 -3.39
CA ILE B 94 -4.11 -2.61 -4.27
C ILE B 94 -4.28 -1.12 -4.55
N TYR B 95 -3.36 -0.31 -4.04
CA TYR B 95 -3.39 1.13 -4.32
C TYR B 95 -2.88 1.37 -5.73
N ILE B 96 -3.68 2.06 -6.55
CA ILE B 96 -3.36 2.19 -7.96
C ILE B 96 -2.28 3.23 -8.19
N ASN B 97 -2.36 4.36 -7.49
CA ASN B 97 -1.51 5.51 -7.80
C ASN B 97 -0.03 5.21 -7.59
N GLU B 98 0.32 4.15 -6.87
CA GLU B 98 1.72 3.82 -6.65
C GLU B 98 2.34 3.17 -7.88
N ASN B 99 1.56 2.41 -8.63
CA ASN B 99 2.03 1.80 -9.88
C ASN B 99 1.55 2.67 -11.05
N LYS B 100 2.51 3.20 -11.80
CA LYS B 100 2.17 4.08 -12.92
C LYS B 100 1.48 3.33 -14.05
N MET B 101 1.89 2.07 -14.29
CA MET B 101 1.29 1.31 -15.38
C MET B 101 -0.18 1.01 -15.10
N LEU B 102 -0.50 0.59 -13.88
CA LEU B 102 -1.90 0.38 -13.51
C LEU B 102 -2.69 1.67 -13.64
N TYR B 103 -2.07 2.80 -13.29
CA TYR B 103 -2.76 4.09 -13.38
C TYR B 103 -3.05 4.44 -14.84
N SER B 104 -2.06 4.24 -15.72
CA SER B 104 -2.27 4.52 -17.14
C SER B 104 -3.27 3.56 -17.74
N LEU B 105 -3.26 2.29 -17.32
CA LEU B 105 -4.17 1.31 -17.92
C LEU B 105 -5.58 1.46 -17.38
N LEU B 106 -5.73 1.59 -16.06
CA LEU B 106 -7.06 1.60 -15.45
C LEU B 106 -7.71 2.98 -15.45
N ILE B 107 -6.93 4.03 -15.18
CA ILE B 107 -7.51 5.37 -15.02
C ILE B 107 -7.23 6.24 -16.23
N HIS C 20 -3.45 -28.60 -21.46
CA HIS C 20 -4.22 -28.99 -22.64
C HIS C 20 -4.14 -27.92 -23.71
N GLU C 21 -3.98 -26.67 -23.29
CA GLU C 21 -3.90 -25.54 -24.21
C GLU C 21 -3.23 -24.37 -23.51
N MET C 22 -2.66 -23.47 -24.32
CA MET C 22 -2.01 -22.27 -23.83
C MET C 22 -2.54 -21.06 -24.58
N LYS C 23 -2.71 -19.96 -23.87
CA LYS C 23 -3.23 -18.72 -24.45
C LYS C 23 -2.32 -17.56 -24.07
N HIS C 24 -2.37 -16.52 -24.90
CA HIS C 24 -1.54 -15.33 -24.71
C HIS C 24 -2.43 -14.10 -24.71
N TYR C 25 -2.34 -13.30 -23.65
CA TYR C 25 -3.18 -12.13 -23.47
C TYR C 25 -2.34 -10.87 -23.65
N PHE C 26 -2.90 -9.90 -24.38
CA PHE C 26 -2.22 -8.65 -24.68
C PHE C 26 -3.12 -7.49 -24.33
N ILE C 27 -2.51 -6.36 -23.99
CA ILE C 27 -3.20 -5.09 -23.81
C ILE C 27 -2.82 -4.19 -24.99
N LEU C 28 -3.83 -3.73 -25.72
CA LEU C 28 -3.61 -2.89 -26.89
C LEU C 28 -4.46 -1.64 -26.80
N ASN C 29 -3.85 -0.49 -27.09
CA ASN C 29 -4.60 0.75 -27.31
C ASN C 29 -5.13 0.70 -28.74
N PHE C 30 -6.25 0.00 -28.90
CA PHE C 30 -6.77 -0.31 -30.23
C PHE C 30 -7.08 0.98 -30.98
N PRO C 31 -6.58 1.15 -32.20
CA PRO C 31 -6.83 2.38 -32.95
C PRO C 31 -8.32 2.59 -33.20
N GLN C 32 -8.75 3.85 -33.07
CA GLN C 32 -10.15 4.21 -33.27
C GLN C 32 -10.57 4.17 -34.74
N ARG C 33 -9.65 3.86 -35.65
CA ARG C 33 -9.99 3.85 -37.06
C ARG C 33 -10.98 2.72 -37.35
N PRO C 34 -11.93 2.95 -38.25
CA PRO C 34 -12.88 1.88 -38.61
C PRO C 34 -12.18 0.74 -39.33
N GLY C 35 -12.70 -0.46 -39.13
CA GLY C 35 -12.10 -1.63 -39.73
C GLY C 35 -10.81 -2.09 -39.09
N ALA C 36 -10.48 -1.57 -37.91
CA ALA C 36 -9.25 -1.97 -37.24
C ALA C 36 -9.30 -3.41 -36.76
N LEU C 37 -10.49 -3.91 -36.43
CA LEU C 37 -10.58 -5.29 -35.95
C LEU C 37 -10.34 -6.28 -37.09
N ARG C 38 -10.80 -5.96 -38.29
CA ARG C 38 -10.52 -6.83 -39.44
C ARG C 38 -9.03 -6.90 -39.71
N GLU C 39 -8.31 -5.79 -39.50
CA GLU C 39 -6.86 -5.80 -39.70
C GLU C 39 -6.18 -6.69 -38.68
N PHE C 40 -6.62 -6.63 -37.42
CA PHE C 40 -6.02 -7.48 -36.39
C PHE C 40 -6.32 -8.95 -36.64
N VAL C 41 -7.53 -9.25 -37.11
CA VAL C 41 -7.90 -10.65 -37.35
C VAL C 41 -7.17 -11.21 -38.55
N ASN C 42 -7.07 -10.42 -39.62
CA ASN C 42 -6.48 -10.91 -40.87
C ASN C 42 -4.99 -10.65 -40.94
N ASP C 43 -4.57 -9.38 -40.80
CA ASP C 43 -3.17 -9.03 -41.00
C ASP C 43 -2.31 -9.39 -39.81
N VAL C 44 -2.81 -9.19 -38.59
CA VAL C 44 -2.01 -9.42 -37.39
C VAL C 44 -2.06 -10.88 -36.95
N LEU C 45 -3.23 -11.51 -37.05
CA LEU C 45 -3.42 -12.87 -36.57
C LEU C 45 -3.26 -13.86 -37.71
N GLY C 46 -2.58 -14.97 -37.44
CA GLY C 46 -2.47 -16.05 -38.38
C GLY C 46 -3.78 -16.77 -38.56
N PRO C 47 -3.96 -17.45 -39.70
CA PRO C 47 -5.23 -18.14 -39.95
C PRO C 47 -5.49 -19.28 -38.98
N GLN C 48 -4.45 -19.93 -38.48
CA GLN C 48 -4.61 -21.01 -37.52
C GLN C 48 -4.85 -20.51 -36.11
N ASP C 49 -4.51 -19.26 -35.82
CA ASP C 49 -4.66 -18.70 -34.48
C ASP C 49 -6.05 -18.13 -34.30
N ASP C 50 -6.54 -18.18 -33.06
CA ASP C 50 -7.90 -17.75 -32.74
C ASP C 50 -7.89 -16.84 -31.52
N ILE C 51 -8.94 -16.02 -31.42
CA ILE C 51 -9.12 -15.09 -30.32
C ILE C 51 -10.07 -15.70 -29.30
N THR C 52 -9.71 -15.62 -28.02
CA THR C 52 -10.52 -16.19 -26.95
C THR C 52 -11.06 -15.16 -25.97
N LYS C 53 -10.66 -13.90 -26.05
CA LYS C 53 -11.09 -12.90 -25.07
C LYS C 53 -10.87 -11.52 -25.64
N PHE C 54 -11.94 -10.72 -25.70
CA PHE C 54 -11.90 -9.33 -26.17
C PHE C 54 -12.72 -8.51 -25.19
N GLU C 55 -12.05 -7.90 -24.23
CA GLU C 55 -12.70 -7.19 -23.13
C GLU C 55 -12.03 -5.84 -22.92
N TYR C 56 -12.85 -4.80 -22.79
CA TYR C 56 -12.34 -3.44 -22.61
C TYR C 56 -11.95 -3.20 -21.16
N LEU C 57 -11.04 -2.25 -20.97
CA LEU C 57 -10.59 -1.83 -19.65
C LEU C 57 -10.91 -0.38 -19.32
N LYS C 58 -11.01 0.49 -20.33
CA LYS C 58 -11.30 1.88 -20.07
C LYS C 58 -11.83 2.52 -21.34
N LYS C 59 -12.28 3.76 -21.20
CA LYS C 59 -12.78 4.53 -22.33
C LYS C 59 -12.49 6.01 -22.09
N SER C 60 -12.38 6.75 -23.19
CA SER C 60 -12.08 8.17 -23.17
C SER C 60 -10.77 8.45 -22.43
N THR C 64 -12.75 4.20 -25.59
CA THR C 64 -12.67 2.79 -25.95
C THR C 64 -11.24 2.40 -26.33
N GLY C 65 -10.29 2.81 -25.49
CA GLY C 65 -8.88 2.69 -25.85
C GLY C 65 -8.26 1.34 -25.56
N THR C 66 -8.29 0.92 -24.30
CA THR C 66 -7.53 -0.25 -23.85
C THR C 66 -8.41 -1.50 -23.84
N VAL C 67 -7.89 -2.57 -24.42
CA VAL C 67 -8.60 -3.84 -24.53
C VAL C 67 -7.64 -4.97 -24.17
N ILE C 68 -8.18 -6.00 -23.54
CA ILE C 68 -7.46 -7.24 -23.29
C ILE C 68 -7.83 -8.24 -24.38
N ILE C 69 -6.84 -8.69 -25.15
CA ILE C 69 -7.06 -9.61 -26.26
C ILE C 69 -6.29 -10.89 -25.97
N GLY C 70 -7.03 -11.99 -25.83
CA GLY C 70 -6.44 -13.30 -25.59
C GLY C 70 -6.39 -14.11 -26.88
N ILE C 71 -5.24 -14.70 -27.15
CA ILE C 71 -4.97 -15.43 -28.39
C ILE C 71 -4.47 -16.82 -28.08
N GLN C 72 -4.95 -17.81 -28.83
CA GLN C 72 -4.49 -19.19 -28.73
C GLN C 72 -3.84 -19.58 -30.05
N LEU C 73 -2.53 -19.82 -30.01
CA LEU C 73 -1.75 -20.19 -31.19
C LEU C 73 -1.60 -21.70 -31.26
N LYS C 74 -1.73 -22.25 -32.46
CA LYS C 74 -1.46 -23.67 -32.66
C LYS C 74 0.03 -23.96 -32.69
N ASP C 75 0.84 -22.98 -33.10
CA ASP C 75 2.29 -23.12 -33.16
C ASP C 75 2.89 -22.07 -32.22
N HIS C 76 3.42 -22.54 -31.09
CA HIS C 76 4.06 -21.64 -30.13
C HIS C 76 5.28 -20.96 -30.72
N ASP C 77 5.90 -21.58 -31.73
CA ASP C 77 7.10 -21.02 -32.33
C ASP C 77 6.82 -19.73 -33.09
N ASP C 78 5.56 -19.50 -33.46
CA ASP C 78 5.17 -18.28 -34.15
C ASP C 78 4.88 -17.12 -33.19
N LEU C 79 5.11 -17.32 -31.88
CA LEU C 79 4.78 -16.27 -30.92
C LEU C 79 5.67 -15.05 -31.12
N ILE C 80 6.93 -15.26 -31.49
CA ILE C 80 7.86 -14.13 -31.68
C ILE C 80 7.38 -13.25 -32.83
N GLN C 81 6.91 -13.87 -33.92
CA GLN C 81 6.41 -13.08 -35.04
C GLN C 81 5.10 -12.39 -34.68
N LEU C 82 4.27 -13.04 -33.85
CA LEU C 82 3.01 -12.46 -33.43
C LEU C 82 3.23 -11.15 -32.68
N LYS C 83 4.16 -11.15 -31.71
CA LYS C 83 4.42 -9.94 -30.94
C LYS C 83 4.89 -8.81 -31.84
N GLN C 84 5.61 -9.12 -32.92
CA GLN C 84 6.02 -8.08 -33.86
C GLN C 84 4.82 -7.45 -34.54
N ARG C 85 3.93 -8.28 -35.10
CA ARG C 85 2.74 -7.76 -35.76
C ARG C 85 1.84 -7.01 -34.79
N VAL C 86 1.83 -7.43 -33.52
CA VAL C 86 1.11 -6.67 -32.50
C VAL C 86 1.84 -5.37 -32.21
N ASN C 87 3.17 -5.39 -32.29
CA ASN C 87 3.95 -4.17 -32.06
C ASN C 87 3.76 -3.17 -33.20
N HIS C 88 3.70 -3.65 -34.44
CA HIS C 88 3.44 -2.75 -35.55
C HIS C 88 2.00 -2.25 -35.53
N PHE C 89 1.06 -3.12 -35.14
CA PHE C 89 -0.34 -2.70 -35.01
C PHE C 89 -0.47 -1.63 -33.93
N ASP C 90 -0.02 -1.93 -32.72
CA ASP C 90 -0.01 -0.97 -31.63
C ASP C 90 1.36 -0.99 -30.97
N PRO C 91 2.21 0.02 -31.20
CA PRO C 91 3.49 0.06 -30.48
C PRO C 91 3.32 0.16 -28.97
N SER C 92 2.12 0.49 -28.49
CA SER C 92 1.81 0.51 -27.07
C SER C 92 1.44 -0.87 -26.53
N ASN C 93 1.80 -1.93 -27.25
CA ASN C 93 1.40 -3.27 -26.84
C ASN C 93 2.07 -3.66 -25.52
N ILE C 94 1.31 -4.36 -24.68
CA ILE C 94 1.80 -4.85 -23.40
C ILE C 94 1.47 -6.33 -23.31
N TYR C 95 2.51 -7.16 -23.23
CA TYR C 95 2.33 -8.61 -23.11
C TYR C 95 1.99 -8.92 -21.66
N ILE C 96 0.72 -9.28 -21.41
CA ILE C 96 0.25 -9.48 -20.05
C ILE C 96 0.93 -10.67 -19.40
N ASN C 97 1.28 -11.69 -20.19
CA ASN C 97 1.80 -12.93 -19.62
C ASN C 97 3.14 -12.73 -18.92
N GLU C 98 3.91 -11.72 -19.33
CA GLU C 98 5.20 -11.47 -18.70
C GLU C 98 5.02 -10.93 -17.28
N ASN C 99 4.20 -9.89 -17.13
CA ASN C 99 4.03 -9.27 -15.83
C ASN C 99 3.24 -10.18 -14.90
N LYS C 100 3.79 -10.42 -13.71
CA LYS C 100 3.14 -11.30 -12.74
C LYS C 100 1.86 -10.67 -12.20
N MET C 101 1.92 -9.39 -11.83
CA MET C 101 0.75 -8.74 -11.27
C MET C 101 -0.36 -8.59 -12.31
N LEU C 102 0.02 -8.39 -13.58
CA LEU C 102 -0.99 -8.21 -14.61
C LEU C 102 -1.70 -9.52 -14.92
N TYR C 103 -0.97 -10.62 -14.96
CA TYR C 103 -1.57 -11.92 -15.26
C TYR C 103 -2.54 -12.33 -14.17
N SER C 104 -2.13 -12.20 -12.90
CA SER C 104 -2.99 -12.63 -11.80
C SER C 104 -4.22 -11.75 -11.70
N LEU C 105 -4.06 -10.43 -11.89
CA LEU C 105 -5.19 -9.53 -11.75
C LEU C 105 -6.17 -9.65 -12.90
N LEU C 106 -5.67 -9.83 -14.13
CA LEU C 106 -6.51 -9.79 -15.31
C LEU C 106 -6.93 -11.17 -15.83
N ILE C 107 -6.40 -12.25 -15.25
CA ILE C 107 -6.78 -13.59 -15.70
C ILE C 107 -7.27 -14.41 -14.52
N ARG D 17 -35.09 7.62 -42.45
CA ARG D 17 -33.88 6.80 -42.45
C ARG D 17 -34.06 5.56 -43.30
N GLY D 18 -34.80 5.70 -44.41
CA GLY D 18 -35.02 4.56 -45.28
C GLY D 18 -33.77 4.09 -45.99
N SER D 19 -32.88 5.02 -46.35
CA SER D 19 -31.64 4.64 -47.00
C SER D 19 -30.48 5.57 -46.66
N HIS D 20 -30.57 6.33 -45.56
CA HIS D 20 -29.55 7.29 -45.19
C HIS D 20 -28.87 6.98 -43.86
N GLU D 21 -29.28 5.92 -43.16
CA GLU D 21 -28.64 5.50 -41.92
C GLU D 21 -27.60 4.43 -42.25
N MET D 22 -26.35 4.69 -41.88
CA MET D 22 -25.25 3.79 -42.19
C MET D 22 -24.70 3.05 -40.98
N LYS D 23 -25.00 3.51 -39.76
CA LYS D 23 -24.58 2.82 -38.55
C LYS D 23 -25.74 1.97 -38.04
N HIS D 24 -25.52 0.66 -37.95
CA HIS D 24 -26.54 -0.29 -37.52
C HIS D 24 -25.97 -1.17 -36.43
N TYR D 25 -26.79 -1.47 -35.43
CA TYR D 25 -26.34 -2.15 -34.22
C TYR D 25 -27.17 -3.40 -34.00
N PHE D 26 -26.52 -4.43 -33.46
CA PHE D 26 -27.14 -5.73 -33.24
C PHE D 26 -26.69 -6.30 -31.91
N ILE D 27 -27.50 -7.20 -31.36
CA ILE D 27 -27.18 -7.96 -30.16
C ILE D 27 -27.14 -9.44 -30.55
N LEU D 28 -25.97 -10.05 -30.47
CA LEU D 28 -25.77 -11.43 -30.88
C LEU D 28 -25.26 -12.27 -29.73
N ASN D 29 -25.62 -13.55 -29.76
CA ASN D 29 -25.04 -14.56 -28.86
C ASN D 29 -23.91 -15.25 -29.63
N PHE D 30 -22.68 -14.81 -29.38
CA PHE D 30 -21.53 -15.33 -30.10
C PHE D 30 -21.29 -16.79 -29.73
N PRO D 31 -21.17 -17.69 -30.70
CA PRO D 31 -20.79 -19.07 -30.38
C PRO D 31 -19.39 -19.13 -29.80
N GLN D 32 -19.26 -19.79 -28.64
CA GLN D 32 -17.94 -19.83 -28.02
C GLN D 32 -16.98 -20.81 -28.71
N ARG D 33 -17.28 -21.23 -29.93
CA ARG D 33 -16.40 -22.09 -30.71
C ARG D 33 -15.24 -21.26 -31.26
N PRO D 34 -14.12 -21.90 -31.58
CA PRO D 34 -12.96 -21.14 -32.07
C PRO D 34 -13.23 -20.54 -33.44
N GLY D 35 -12.51 -19.44 -33.73
CA GLY D 35 -12.65 -18.75 -35.01
C GLY D 35 -13.96 -18.04 -35.25
N ALA D 36 -14.78 -17.84 -34.21
CA ALA D 36 -16.06 -17.18 -34.42
C ALA D 36 -15.89 -15.74 -34.88
N LEU D 37 -14.93 -15.02 -34.28
CA LEU D 37 -14.70 -13.64 -34.68
C LEU D 37 -14.13 -13.54 -36.09
N ARG D 38 -13.29 -14.51 -36.48
CA ARG D 38 -12.82 -14.55 -37.86
C ARG D 38 -13.95 -14.89 -38.81
N GLU D 39 -14.86 -15.76 -38.38
CA GLU D 39 -16.04 -16.08 -39.19
C GLU D 39 -16.93 -14.86 -39.33
N PHE D 40 -17.06 -14.07 -38.27
CA PHE D 40 -17.92 -12.89 -38.32
C PHE D 40 -17.27 -11.76 -39.12
N VAL D 41 -15.95 -11.61 -39.00
CA VAL D 41 -15.27 -10.49 -39.66
C VAL D 41 -15.22 -10.70 -41.16
N ASN D 42 -15.01 -11.93 -41.61
CA ASN D 42 -14.85 -12.23 -43.03
C ASN D 42 -16.14 -12.70 -43.69
N ASP D 43 -16.80 -13.71 -43.12
CA ASP D 43 -17.95 -14.30 -43.78
C ASP D 43 -19.21 -13.46 -43.62
N VAL D 44 -19.42 -12.88 -42.44
CA VAL D 44 -20.66 -12.16 -42.18
C VAL D 44 -20.60 -10.74 -42.75
N LEU D 45 -19.51 -10.03 -42.50
CA LEU D 45 -19.42 -8.63 -42.89
C LEU D 45 -19.11 -8.48 -44.38
N GLY D 46 -19.47 -7.33 -44.91
CA GLY D 46 -19.18 -6.99 -46.29
C GLY D 46 -17.83 -6.35 -46.45
N PRO D 47 -17.36 -6.22 -47.69
CA PRO D 47 -16.05 -5.60 -47.91
C PRO D 47 -15.97 -4.15 -47.50
N GLN D 48 -17.07 -3.39 -47.64
CA GLN D 48 -17.08 -1.99 -47.27
C GLN D 48 -17.81 -1.72 -45.96
N ASP D 49 -18.10 -2.77 -45.18
CA ASP D 49 -18.77 -2.64 -43.91
C ASP D 49 -17.72 -2.74 -42.80
N ASP D 50 -17.63 -1.69 -41.98
CA ASP D 50 -16.60 -1.58 -40.96
C ASP D 50 -17.23 -1.64 -39.56
N ILE D 51 -16.57 -2.37 -38.66
CA ILE D 51 -17.04 -2.49 -37.29
C ILE D 51 -16.79 -1.18 -36.54
N THR D 52 -17.78 -0.75 -35.77
CA THR D 52 -17.66 0.45 -34.95
C THR D 52 -17.87 0.21 -33.47
N LYS D 53 -18.26 -1.00 -33.06
CA LYS D 53 -18.53 -1.25 -31.65
C LYS D 53 -18.52 -2.75 -31.39
N PHE D 54 -18.04 -3.13 -30.20
CA PHE D 54 -18.02 -4.54 -29.80
C PHE D 54 -17.85 -4.56 -28.28
N GLU D 55 -18.97 -4.69 -27.56
CA GLU D 55 -18.97 -4.72 -26.11
C GLU D 55 -19.91 -5.79 -25.60
N TYR D 56 -19.52 -6.44 -24.50
CA TYR D 56 -20.36 -7.45 -23.87
C TYR D 56 -21.54 -6.81 -23.14
N THR D 66 -23.62 -12.71 -24.81
CA THR D 66 -24.36 -11.53 -25.25
C THR D 66 -23.42 -10.36 -25.51
N VAL D 67 -23.34 -9.95 -26.78
CA VAL D 67 -22.43 -8.89 -27.21
C VAL D 67 -23.19 -7.93 -28.11
N ILE D 68 -22.98 -6.63 -27.89
CA ILE D 68 -23.55 -5.57 -28.72
C ILE D 68 -22.50 -5.17 -29.75
N ILE D 69 -22.87 -5.16 -31.02
CA ILE D 69 -21.94 -4.90 -32.12
C ILE D 69 -22.51 -3.82 -33.02
N GLY D 70 -21.65 -2.91 -33.47
CA GLY D 70 -22.05 -1.88 -34.41
C GLY D 70 -21.24 -1.93 -35.69
N ILE D 71 -21.92 -1.88 -36.84
CA ILE D 71 -21.29 -1.95 -38.14
C ILE D 71 -21.72 -0.73 -38.95
N GLN D 72 -20.77 -0.11 -39.64
CA GLN D 72 -21.04 1.02 -40.52
C GLN D 72 -20.91 0.56 -41.96
N LEU D 73 -22.02 0.59 -42.70
CA LEU D 73 -22.02 0.27 -44.11
C LEU D 73 -21.62 1.49 -44.94
N LYS D 74 -21.10 1.23 -46.13
CA LYS D 74 -20.89 2.28 -47.11
C LYS D 74 -22.07 2.46 -48.05
N ASP D 75 -22.93 1.44 -48.16
CA ASP D 75 -24.11 1.51 -49.01
C ASP D 75 -25.28 0.87 -48.27
N HIS D 76 -26.40 1.61 -48.18
CA HIS D 76 -27.54 1.09 -47.42
C HIS D 76 -28.14 -0.14 -48.09
N ASP D 77 -27.93 -0.32 -49.39
CA ASP D 77 -28.44 -1.50 -50.06
C ASP D 77 -27.78 -2.77 -49.54
N ASP D 78 -26.53 -2.65 -49.07
CA ASP D 78 -25.81 -3.77 -48.49
C ASP D 78 -26.39 -4.21 -47.15
N LEU D 79 -27.34 -3.46 -46.59
CA LEU D 79 -27.84 -3.79 -45.25
C LEU D 79 -28.64 -5.09 -45.27
N ILE D 80 -29.43 -5.31 -46.32
CA ILE D 80 -30.27 -6.51 -46.39
C ILE D 80 -29.41 -7.77 -46.29
N GLN D 81 -28.33 -7.82 -47.06
CA GLN D 81 -27.47 -8.99 -47.05
C GLN D 81 -26.81 -9.17 -45.69
N LEU D 82 -26.40 -8.07 -45.06
CA LEU D 82 -25.77 -8.16 -43.74
C LEU D 82 -26.73 -8.76 -42.73
N LYS D 83 -27.98 -8.28 -42.71
CA LYS D 83 -28.96 -8.81 -41.77
C LYS D 83 -29.25 -10.27 -42.04
N GLN D 84 -29.29 -10.67 -43.31
CA GLN D 84 -29.49 -12.08 -43.64
C GLN D 84 -28.35 -12.93 -43.11
N ARG D 85 -27.11 -12.47 -43.31
CA ARG D 85 -25.95 -13.23 -42.84
C ARG D 85 -25.87 -13.25 -41.32
N VAL D 86 -26.36 -12.20 -40.66
CA VAL D 86 -26.38 -12.19 -39.20
C VAL D 86 -27.39 -13.21 -38.66
N ASN D 87 -28.52 -13.37 -39.35
CA ASN D 87 -29.52 -14.34 -38.92
C ASN D 87 -28.97 -15.76 -39.01
N HIS D 88 -28.19 -16.04 -40.06
CA HIS D 88 -27.55 -17.34 -40.16
C HIS D 88 -26.56 -17.55 -39.02
N PHE D 89 -25.74 -16.55 -38.74
CA PHE D 89 -24.72 -16.68 -37.70
C PHE D 89 -25.36 -16.83 -36.33
N ASP D 90 -26.33 -15.98 -36.02
CA ASP D 90 -27.06 -16.04 -34.75
C ASP D 90 -28.54 -15.82 -35.05
N PRO D 91 -29.36 -16.87 -35.01
CA PRO D 91 -30.81 -16.67 -35.18
C PRO D 91 -31.42 -15.84 -34.07
N SER D 92 -30.77 -15.74 -32.91
CA SER D 92 -31.26 -14.97 -31.79
C SER D 92 -30.80 -13.51 -31.83
N ASN D 93 -30.35 -13.04 -33.00
CA ASN D 93 -29.87 -11.68 -33.12
C ASN D 93 -31.03 -10.68 -33.02
N ILE D 94 -30.72 -9.49 -32.51
CA ILE D 94 -31.70 -8.44 -32.28
C ILE D 94 -31.18 -7.17 -32.95
N TYR D 95 -31.86 -6.72 -34.01
CA TYR D 95 -31.52 -5.47 -34.68
C TYR D 95 -32.00 -4.32 -33.80
N ILE D 96 -31.05 -3.56 -33.24
CA ILE D 96 -31.39 -2.63 -32.16
C ILE D 96 -32.09 -1.38 -32.67
N ASN D 97 -31.72 -0.94 -33.88
CA ASN D 97 -32.18 0.35 -34.39
C ASN D 97 -33.71 0.43 -34.49
N GLU D 98 -34.39 -0.71 -34.63
CA GLU D 98 -35.84 -0.68 -34.72
C GLU D 98 -36.46 -0.14 -33.43
N ASN D 99 -35.98 -0.60 -32.28
CA ASN D 99 -36.53 -0.19 -30.99
C ASN D 99 -35.86 1.11 -30.57
N LYS D 100 -36.63 2.21 -30.55
CA LYS D 100 -36.06 3.47 -30.11
C LYS D 100 -35.64 3.42 -28.65
N MET D 101 -36.29 2.57 -27.86
CA MET D 101 -35.89 2.39 -26.47
C MET D 101 -34.54 1.68 -26.38
N LEU D 102 -34.41 0.54 -27.07
CA LEU D 102 -33.13 -0.16 -27.09
C LEU D 102 -32.03 0.70 -27.69
N TYR D 103 -32.37 1.57 -28.64
CA TYR D 103 -31.38 2.44 -29.24
C TYR D 103 -30.92 3.52 -28.24
N SER D 104 -31.85 4.03 -27.43
CA SER D 104 -31.50 5.10 -26.50
C SER D 104 -30.69 4.56 -25.32
N LEU D 105 -31.12 3.43 -24.76
CA LEU D 105 -30.47 2.92 -23.55
C LEU D 105 -29.07 2.39 -23.84
N LEU D 106 -28.89 1.70 -24.97
CA LEU D 106 -27.65 0.98 -25.21
C LEU D 106 -26.62 1.79 -25.99
N ILE D 107 -27.02 2.88 -26.63
CA ILE D 107 -26.07 3.68 -27.40
C ILE D 107 -25.78 4.98 -26.68
N SER E 19 -3.53 26.38 30.16
CA SER E 19 -4.61 26.05 29.24
C SER E 19 -4.10 25.20 28.06
N HIS E 20 -2.78 25.14 27.90
CA HIS E 20 -2.15 24.39 26.83
C HIS E 20 -1.10 23.46 27.43
N GLU E 21 -0.56 22.58 26.58
CA GLU E 21 0.42 21.60 27.04
C GLU E 21 1.72 22.31 27.42
N MET E 22 2.43 21.71 28.38
CA MET E 22 3.72 22.23 28.82
C MET E 22 4.90 21.49 28.19
N LYS E 23 4.64 20.39 27.49
CA LYS E 23 5.68 19.59 26.84
C LYS E 23 5.55 19.75 25.34
N HIS E 24 6.64 20.16 24.69
CA HIS E 24 6.65 20.44 23.26
C HIS E 24 7.85 19.75 22.64
N TYR E 25 7.61 19.00 21.56
CA TYR E 25 8.61 18.15 20.95
C TYR E 25 9.00 18.71 19.58
N PHE E 26 10.29 18.71 19.29
CA PHE E 26 10.82 19.18 18.01
C PHE E 26 11.71 18.12 17.41
N ILE E 27 11.80 18.11 16.09
CA ILE E 27 12.76 17.27 15.36
C ILE E 27 13.85 18.19 14.83
N LEU E 28 15.07 18.00 15.34
CA LEU E 28 16.19 18.86 14.99
C LEU E 28 17.30 18.04 14.33
N ASN E 29 18.00 18.67 13.38
CA ASN E 29 19.18 18.07 12.77
C ASN E 29 20.38 18.63 13.53
N PHE E 30 20.82 17.89 14.53
CA PHE E 30 21.77 18.44 15.49
C PHE E 30 23.15 18.61 14.83
N PRO E 31 23.86 19.68 15.16
CA PRO E 31 25.14 19.92 14.50
C PRO E 31 26.27 19.14 15.14
N GLN E 32 27.27 18.81 14.31
CA GLN E 32 28.50 18.20 14.80
C GLN E 32 29.42 19.19 15.48
N ARG E 33 29.02 20.46 15.54
CA ARG E 33 29.82 21.47 16.21
C ARG E 33 30.01 21.09 17.67
N PRO E 34 31.23 21.15 18.19
CA PRO E 34 31.44 20.83 19.61
C PRO E 34 30.74 21.84 20.50
N GLY E 35 30.19 21.33 21.61
CA GLY E 35 29.48 22.20 22.54
C GLY E 35 28.14 22.70 22.03
N ALA E 36 27.60 22.07 20.98
CA ALA E 36 26.30 22.47 20.47
C ALA E 36 25.19 22.18 21.48
N LEU E 37 25.30 21.07 22.20
CA LEU E 37 24.34 20.78 23.25
C LEU E 37 24.44 21.79 24.38
N ARG E 38 25.66 22.27 24.66
CA ARG E 38 25.83 23.31 25.67
C ARG E 38 25.14 24.60 25.25
N GLU E 39 25.29 24.98 23.98
CA GLU E 39 24.63 26.18 23.47
C GLU E 39 23.11 26.03 23.53
N PHE E 40 22.61 24.87 23.11
CA PHE E 40 21.16 24.65 23.15
C PHE E 40 20.65 24.66 24.58
N VAL E 41 21.45 24.17 25.53
CA VAL E 41 21.01 24.10 26.92
C VAL E 41 20.98 25.49 27.55
N ASN E 42 21.98 26.30 27.27
CA ASN E 42 22.13 27.59 27.94
C ASN E 42 21.62 28.78 27.13
N ASP E 43 21.43 28.63 25.83
CA ASP E 43 21.02 29.76 24.99
C ASP E 43 19.67 29.56 24.31
N VAL E 44 19.29 28.33 23.98
CA VAL E 44 18.02 28.06 23.33
C VAL E 44 16.94 27.70 24.34
N LEU E 45 17.25 26.81 25.27
CA LEU E 45 16.31 26.50 26.34
C LEU E 45 16.15 27.69 27.27
N GLY E 46 14.94 27.83 27.82
CA GLY E 46 14.68 28.85 28.80
C GLY E 46 15.45 28.59 30.08
N PRO E 47 15.57 29.62 30.93
CA PRO E 47 16.29 29.43 32.20
C PRO E 47 15.64 28.39 33.10
N GLN E 48 14.32 28.18 32.96
CA GLN E 48 13.61 27.18 33.72
C GLN E 48 13.07 26.05 32.86
N ASP E 49 13.17 26.16 31.53
CA ASP E 49 12.74 25.09 30.65
C ASP E 49 13.64 23.88 30.82
N ASP E 50 13.02 22.69 30.77
CA ASP E 50 13.72 21.44 31.03
C ASP E 50 13.48 20.47 29.87
N ILE E 51 14.29 19.43 29.82
CA ILE E 51 14.25 18.43 28.76
C ILE E 51 13.58 17.17 29.27
N THR E 52 12.67 16.61 28.46
CA THR E 52 12.02 15.35 28.78
C THR E 52 12.35 14.23 27.83
N LYS E 53 12.85 14.53 26.63
CA LYS E 53 13.12 13.50 25.63
C LYS E 53 14.28 13.95 24.76
N PHE E 54 15.09 12.98 24.33
CA PHE E 54 16.23 13.26 23.44
C PHE E 54 16.63 11.94 22.80
N GLU E 55 16.00 11.61 21.67
CA GLU E 55 16.22 10.35 20.98
C GLU E 55 16.82 10.60 19.61
N TYR E 56 17.79 9.76 19.24
CA TYR E 56 18.36 9.80 17.90
C TYR E 56 17.58 8.88 16.96
N LEU E 57 17.41 9.33 15.72
CA LEU E 57 16.61 8.62 14.73
C LEU E 57 17.45 8.10 13.56
N LYS E 58 18.09 8.99 12.81
CA LYS E 58 18.86 8.60 11.65
C LYS E 58 20.30 9.09 11.76
N LYS E 59 21.24 8.22 11.40
CA LYS E 59 22.66 8.55 11.38
C LYS E 59 23.36 7.65 10.38
N SER E 60 24.65 7.89 10.19
CA SER E 60 25.46 7.14 9.23
C SER E 60 24.88 7.24 7.82
N GLY E 65 22.97 13.95 12.11
CA GLY E 65 21.94 13.11 12.70
C GLY E 65 20.70 13.86 13.15
N THR E 66 19.54 13.27 12.89
CA THR E 66 18.26 13.86 13.29
C THR E 66 17.89 13.38 14.68
N VAL E 67 17.42 14.30 15.51
CA VAL E 67 17.08 14.01 16.89
C VAL E 67 15.64 14.44 17.15
N ILE E 68 15.01 13.73 18.10
CA ILE E 68 13.69 14.07 18.59
C ILE E 68 13.86 14.51 20.04
N ILE E 69 13.49 15.75 20.34
CA ILE E 69 13.74 16.34 21.65
C ILE E 69 12.44 16.93 22.18
N GLY E 70 12.15 16.66 23.46
CA GLY E 70 10.99 17.19 24.14
C GLY E 70 11.40 18.13 25.26
N ILE E 71 10.77 19.30 25.28
CA ILE E 71 11.13 20.37 26.20
C ILE E 71 9.92 20.73 27.05
N GLN E 72 10.12 20.84 28.35
CA GLN E 72 9.09 21.25 29.29
C GLN E 72 9.33 22.69 29.70
N LEU E 73 8.37 23.57 29.40
CA LEU E 73 8.48 24.99 29.74
C LEU E 73 7.62 25.29 30.95
N LYS E 74 8.10 26.22 31.79
CA LYS E 74 7.37 26.57 32.99
C LYS E 74 6.14 27.40 32.69
N ASP E 75 6.24 28.34 31.75
CA ASP E 75 5.14 29.20 31.36
C ASP E 75 4.90 29.05 29.87
N HIS E 76 3.66 28.77 29.50
CA HIS E 76 3.31 28.64 28.09
C HIS E 76 3.54 29.93 27.32
N ASP E 77 3.55 31.07 28.01
CA ASP E 77 3.84 32.34 27.36
C ASP E 77 5.26 32.41 26.80
N ASP E 78 6.13 31.47 27.18
CA ASP E 78 7.49 31.41 26.68
C ASP E 78 7.67 30.38 25.57
N LEU E 79 6.58 29.73 25.14
CA LEU E 79 6.69 28.76 24.04
C LEU E 79 7.06 29.45 22.73
N ILE E 80 6.42 30.59 22.43
CA ILE E 80 6.74 31.33 21.22
C ILE E 80 8.20 31.77 21.23
N GLN E 81 8.73 32.07 22.41
CA GLN E 81 10.12 32.50 22.55
C GLN E 81 11.07 31.32 22.43
N LEU E 82 10.68 30.15 22.93
CA LEU E 82 11.52 28.97 22.79
C LEU E 82 11.62 28.55 21.33
N LYS E 83 10.51 28.66 20.59
CA LYS E 83 10.50 28.23 19.20
C LYS E 83 11.45 29.07 18.35
N GLN E 84 11.37 30.39 18.47
CA GLN E 84 12.21 31.25 17.64
C GLN E 84 13.69 31.06 17.96
N ARG E 85 14.01 30.68 19.20
CA ARG E 85 15.40 30.35 19.51
C ARG E 85 15.78 29.00 18.93
N VAL E 86 14.83 28.06 18.89
CA VAL E 86 15.08 26.78 18.22
C VAL E 86 15.28 27.00 16.73
N ASN E 87 14.49 27.89 16.13
CA ASN E 87 14.64 28.19 14.71
C ASN E 87 16.01 28.79 14.41
N HIS E 88 16.56 29.56 15.34
CA HIS E 88 17.91 30.10 15.13
C HIS E 88 18.95 29.02 15.31
N PHE E 89 18.72 28.08 16.23
CA PHE E 89 19.64 26.96 16.41
C PHE E 89 19.60 26.02 15.21
N ASP E 90 18.40 25.57 14.84
CA ASP E 90 18.21 24.70 13.68
C ASP E 90 17.05 25.24 12.86
N PRO E 91 17.34 25.94 11.75
CA PRO E 91 16.26 26.41 10.89
C PRO E 91 15.42 25.29 10.30
N SER E 92 15.96 24.08 10.20
CA SER E 92 15.22 22.92 9.73
C SER E 92 14.40 22.25 10.81
N ASN E 93 14.11 22.96 11.91
CA ASN E 93 13.35 22.37 13.00
C ASN E 93 11.93 22.04 12.54
N ILE E 94 11.39 20.96 13.06
CA ILE E 94 10.04 20.51 12.72
C ILE E 94 9.27 20.30 14.01
N TYR E 95 8.36 21.23 14.31
CA TYR E 95 7.51 21.11 15.49
C TYR E 95 6.49 20.00 15.25
N ILE E 96 6.59 18.91 16.01
CA ILE E 96 5.71 17.76 15.77
C ILE E 96 4.46 17.79 16.62
N ASN E 97 4.33 18.74 17.54
CA ASN E 97 3.03 18.93 18.19
C ASN E 97 2.01 19.49 17.20
N GLU E 98 2.47 20.18 16.16
CA GLU E 98 1.54 20.65 15.13
C GLU E 98 1.07 19.48 14.27
N ASN E 99 1.97 18.59 13.90
CA ASN E 99 1.66 17.50 12.99
C ASN E 99 1.30 16.27 13.81
N LYS E 100 0.02 15.88 13.80
CA LYS E 100 -0.40 14.80 14.67
C LYS E 100 0.09 13.45 14.17
N MET E 101 0.31 13.32 12.86
CA MET E 101 0.89 12.09 12.32
C MET E 101 2.26 11.82 12.94
N LEU E 102 3.14 12.81 12.94
CA LEU E 102 4.45 12.64 13.58
C LEU E 102 4.30 12.48 15.09
N TYR E 103 3.38 13.23 15.71
CA TYR E 103 3.19 13.14 17.15
C TYR E 103 2.73 11.74 17.55
N SER E 104 1.79 11.18 16.78
CA SER E 104 1.29 9.84 17.11
C SER E 104 2.33 8.78 16.83
N LEU E 105 3.04 8.89 15.71
CA LEU E 105 3.99 7.84 15.33
C LEU E 105 5.23 7.87 16.22
N LEU E 106 5.74 9.05 16.54
CA LEU E 106 7.00 9.19 17.27
C LEU E 106 6.77 9.22 18.78
N ILE E 107 6.13 10.27 19.27
CA ILE E 107 5.96 10.46 20.71
C ILE E 107 4.97 9.45 21.28
N HIS F 20 46.24 9.71 25.85
CA HIS F 20 46.37 9.90 24.42
C HIS F 20 45.01 10.15 23.78
N GLU F 21 44.07 9.25 24.03
CA GLU F 21 42.74 9.39 23.45
C GLU F 21 41.98 10.50 24.15
N MET F 22 41.29 11.34 23.36
CA MET F 22 40.58 12.48 23.90
C MET F 22 39.08 12.22 24.07
N LYS F 23 38.56 11.14 23.50
CA LYS F 23 37.15 10.80 23.62
C LYS F 23 36.99 9.70 24.67
N HIS F 24 36.18 9.97 25.69
CA HIS F 24 35.96 9.05 26.80
C HIS F 24 34.47 8.84 26.96
N TYR F 25 34.06 7.59 27.14
CA TYR F 25 32.66 7.21 27.15
C TYR F 25 32.26 6.67 28.51
N PHE F 26 31.06 7.04 28.96
CA PHE F 26 30.55 6.65 30.26
C PHE F 26 29.13 6.13 30.13
N ILE F 27 28.80 5.09 30.89
CA ILE F 27 27.43 4.62 31.04
C ILE F 27 26.89 5.18 32.35
N LEU F 28 25.82 5.95 32.27
CA LEU F 28 25.26 6.62 33.43
C LEU F 28 23.77 6.32 33.55
N ASN F 29 23.30 6.19 34.79
CA ASN F 29 21.88 6.12 35.09
C ASN F 29 21.40 7.55 35.31
N PHE F 30 20.91 8.17 34.25
CA PHE F 30 20.60 9.59 34.28
C PHE F 30 19.31 9.83 35.05
N PRO F 31 19.28 10.80 35.97
CA PRO F 31 18.04 11.08 36.70
C PRO F 31 17.01 11.76 35.83
N GLN F 32 15.75 11.48 36.11
CA GLN F 32 14.63 12.08 35.39
C GLN F 32 14.14 13.36 36.05
N ARG F 33 14.77 13.78 37.14
CA ARG F 33 14.42 15.05 37.76
C ARG F 33 14.66 16.19 36.77
N PRO F 34 13.83 17.24 36.81
CA PRO F 34 13.93 18.31 35.82
C PRO F 34 15.28 19.01 35.86
N GLY F 35 15.69 19.54 34.70
CA GLY F 35 16.97 20.22 34.60
C GLY F 35 18.16 19.31 34.78
N ALA F 36 18.02 18.02 34.43
CA ALA F 36 19.10 17.06 34.67
C ALA F 36 20.25 17.28 33.69
N LEU F 37 19.95 17.46 32.40
CA LEU F 37 21.01 17.58 31.42
C LEU F 37 21.73 18.91 31.54
N ARG F 38 21.02 19.98 31.90
CA ARG F 38 21.67 21.26 32.13
C ARG F 38 22.68 21.16 33.26
N GLU F 39 22.34 20.43 34.32
CA GLU F 39 23.26 20.25 35.42
C GLU F 39 24.50 19.47 35.00
N PHE F 40 24.33 18.51 34.09
CA PHE F 40 25.47 17.75 33.60
C PHE F 40 26.35 18.62 32.72
N VAL F 41 25.76 19.33 31.77
CA VAL F 41 26.54 20.10 30.80
C VAL F 41 27.27 21.25 31.50
N ASN F 42 26.57 21.96 32.38
CA ASN F 42 27.15 23.17 32.96
C ASN F 42 28.11 22.86 34.11
N ASP F 43 27.94 21.73 34.80
CA ASP F 43 28.74 21.42 35.98
C ASP F 43 29.72 20.28 35.74
N VAL F 44 29.25 19.16 35.18
CA VAL F 44 30.13 18.00 35.00
C VAL F 44 31.19 18.29 33.95
N LEU F 45 30.78 18.81 32.80
CA LEU F 45 31.73 19.08 31.73
C LEU F 45 32.62 20.26 32.09
N GLY F 46 33.90 20.15 31.75
CA GLY F 46 34.78 21.30 31.76
C GLY F 46 34.30 22.29 30.73
N PRO F 47 34.66 23.56 30.91
CA PRO F 47 34.13 24.60 29.99
C PRO F 47 34.43 24.33 28.53
N GLN F 48 35.59 23.76 28.22
CA GLN F 48 35.94 23.41 26.86
C GLN F 48 35.78 21.92 26.58
N ASP F 49 35.31 21.14 27.55
CA ASP F 49 34.97 19.74 27.30
C ASP F 49 33.63 19.66 26.61
N ASP F 50 33.50 18.73 25.67
CA ASP F 50 32.33 18.64 24.81
C ASP F 50 31.82 17.20 24.78
N ILE F 51 30.55 17.06 24.42
CA ILE F 51 29.86 15.78 24.33
C ILE F 51 29.83 15.32 22.89
N THR F 52 30.08 14.03 22.66
CA THR F 52 30.12 13.46 21.33
C THR F 52 29.11 12.35 21.09
N LYS F 53 28.47 11.83 22.12
CA LYS F 53 27.60 10.67 21.97
C LYS F 53 26.50 10.73 23.03
N PHE F 54 25.28 10.38 22.62
CA PHE F 54 24.15 10.32 23.55
C PHE F 54 23.17 9.27 23.01
N GLU F 55 23.19 8.08 23.58
CA GLU F 55 22.30 7.00 23.15
C GLU F 55 21.74 6.30 24.38
N TYR F 56 20.66 5.56 24.16
CA TYR F 56 20.04 4.76 25.21
C TYR F 56 20.17 3.28 24.89
N LEU F 57 19.92 2.45 25.90
CA LEU F 57 19.93 1.00 25.75
C LEU F 57 19.07 0.34 26.83
N THR F 66 19.86 4.48 31.87
CA THR F 66 20.79 3.76 31.02
C THR F 66 21.17 4.60 29.80
N VAL F 67 22.12 5.51 29.99
CA VAL F 67 22.54 6.44 28.96
C VAL F 67 24.02 6.22 28.69
N ILE F 68 24.38 6.11 27.41
CA ILE F 68 25.76 5.99 26.98
C ILE F 68 26.19 7.36 26.46
N ILE F 69 27.12 8.00 27.17
CA ILE F 69 27.55 9.36 26.87
C ILE F 69 29.03 9.35 26.54
N GLY F 70 29.41 10.15 25.53
CA GLY F 70 30.80 10.30 25.17
C GLY F 70 31.27 11.75 25.26
N ILE F 71 32.22 12.01 26.15
CA ILE F 71 32.74 13.35 26.39
C ILE F 71 34.12 13.46 25.76
N GLN F 72 34.34 14.50 24.98
CA GLN F 72 35.63 14.74 24.34
C GLN F 72 36.31 15.90 25.07
N LEU F 73 37.25 15.57 25.94
CA LEU F 73 38.00 16.58 26.67
C LEU F 73 38.95 17.31 25.72
N LYS F 74 39.28 18.56 26.09
CA LYS F 74 40.27 19.30 25.34
C LYS F 74 41.67 19.18 25.94
N ASP F 75 41.77 18.71 27.18
CA ASP F 75 43.05 18.47 27.84
C ASP F 75 43.00 17.08 28.45
N HIS F 76 44.05 16.29 28.21
CA HIS F 76 44.09 14.92 28.74
C HIS F 76 44.16 14.92 30.26
N ASP F 77 44.82 15.92 30.84
CA ASP F 77 44.96 15.97 32.30
C ASP F 77 43.62 16.19 32.99
N ASP F 78 42.63 16.72 32.28
CA ASP F 78 41.32 16.99 32.86
C ASP F 78 40.51 15.73 33.13
N LEU F 79 41.00 14.56 32.72
CA LEU F 79 40.22 13.34 32.88
C LEU F 79 40.02 13.00 34.36
N ILE F 80 41.02 13.28 35.19
CA ILE F 80 40.91 13.01 36.62
C ILE F 80 39.77 13.82 37.23
N GLN F 81 39.72 15.12 36.92
CA GLN F 81 38.69 15.97 37.51
C GLN F 81 37.33 15.72 36.88
N LEU F 82 37.30 15.40 35.59
CA LEU F 82 36.04 15.05 34.95
C LEU F 82 35.41 13.85 35.63
N LYS F 83 36.18 12.77 35.80
CA LYS F 83 35.65 11.57 36.44
C LYS F 83 35.15 11.87 37.84
N GLN F 84 35.87 12.72 38.58
CA GLN F 84 35.44 13.06 39.93
C GLN F 84 34.12 13.81 39.92
N ARG F 85 33.95 14.72 38.96
CA ARG F 85 32.67 15.42 38.82
C ARG F 85 31.60 14.49 38.27
N VAL F 86 31.99 13.60 37.35
CA VAL F 86 31.04 12.63 36.82
C VAL F 86 30.53 11.71 37.93
N ASN F 87 31.45 11.19 38.75
CA ASN F 87 31.06 10.27 39.80
C ASN F 87 30.29 10.98 40.91
N HIS F 88 30.65 12.24 41.18
CA HIS F 88 29.85 13.06 42.08
C HIS F 88 28.44 13.27 41.54
N PHE F 89 28.27 13.19 40.22
CA PHE F 89 26.94 13.28 39.63
C PHE F 89 26.22 11.93 39.67
N ASP F 90 26.96 10.84 39.47
CA ASP F 90 26.39 9.50 39.54
C ASP F 90 27.42 8.52 40.07
N PRO F 91 27.23 7.98 41.28
CA PRO F 91 28.19 7.00 41.80
C PRO F 91 28.19 5.69 41.05
N SER F 92 27.14 5.38 40.29
CA SER F 92 27.07 4.14 39.51
C SER F 92 27.64 4.29 38.11
N ASN F 93 28.68 5.12 37.95
CA ASN F 93 29.27 5.31 36.63
C ASN F 93 30.04 4.07 36.21
N ILE F 94 30.00 3.78 34.92
CA ILE F 94 30.71 2.65 34.33
C ILE F 94 31.60 3.21 33.23
N TYR F 95 32.87 3.42 33.54
CA TYR F 95 33.82 3.92 32.54
C TYR F 95 34.01 2.85 31.47
N ILE F 96 33.55 3.14 30.24
CA ILE F 96 33.49 2.12 29.20
C ILE F 96 34.87 1.79 28.67
N ASN F 97 35.80 2.74 28.71
CA ASN F 97 37.10 2.53 28.09
C ASN F 97 37.91 1.48 28.83
N GLU F 98 37.80 1.43 30.16
CA GLU F 98 38.59 0.48 30.93
C GLU F 98 38.13 -0.96 30.69
N ASN F 99 36.82 -1.19 30.65
CA ASN F 99 36.27 -2.50 30.35
C ASN F 99 36.40 -2.72 28.84
N LYS F 100 37.36 -3.55 28.44
CA LYS F 100 37.57 -3.82 27.02
C LYS F 100 36.35 -4.50 26.40
N MET F 101 35.68 -5.35 27.18
CA MET F 101 34.50 -6.05 26.66
C MET F 101 33.37 -5.07 26.39
N LEU F 102 33.09 -4.17 27.32
CA LEU F 102 32.00 -3.23 27.15
C LEU F 102 32.31 -2.21 26.05
N TYR F 103 33.57 -1.79 25.94
CA TYR F 103 33.95 -0.83 24.90
C TYR F 103 33.77 -1.42 23.52
N SER F 104 34.12 -2.71 23.35
CA SER F 104 34.00 -3.35 22.04
C SER F 104 32.55 -3.49 21.63
N LEU F 105 31.69 -3.97 22.54
CA LEU F 105 30.31 -4.23 22.16
C LEU F 105 29.53 -2.94 21.93
N LEU F 106 29.91 -1.87 22.61
CA LEU F 106 29.14 -0.63 22.57
C LEU F 106 29.50 0.22 21.35
N ILE F 107 30.77 0.27 20.98
CA ILE F 107 31.20 1.12 19.87
C ILE F 107 31.60 0.27 18.67
N MET G 22 14.52 -2.53 -5.99
CA MET G 22 14.44 -1.34 -5.15
C MET G 22 14.24 -1.74 -3.69
N LYS G 23 14.50 -0.81 -2.77
CA LYS G 23 14.29 -1.02 -1.35
C LYS G 23 12.98 -0.34 -0.93
N HIS G 24 12.19 -1.05 -0.13
CA HIS G 24 10.87 -0.58 0.28
C HIS G 24 10.75 -0.67 1.80
N TYR G 25 10.18 0.39 2.38
CA TYR G 25 10.14 0.56 3.82
C TYR G 25 8.69 0.66 4.29
N PHE G 26 8.41 0.06 5.45
CA PHE G 26 7.08 0.02 6.02
C PHE G 26 7.16 0.34 7.51
N ILE G 27 6.12 0.98 8.01
CA ILE G 27 5.91 1.16 9.45
C ILE G 27 4.83 0.18 9.88
N LEU G 28 5.18 -0.75 10.75
CA LEU G 28 4.26 -1.78 11.22
C LEU G 28 4.13 -1.72 12.74
N ASN G 29 2.89 -1.71 13.22
CA ASN G 29 2.62 -2.02 14.62
C ASN G 29 2.67 -3.54 14.75
N PHE G 30 3.81 -4.05 15.17
CA PHE G 30 4.04 -5.50 15.14
C PHE G 30 3.09 -6.21 16.08
N PRO G 31 2.42 -7.28 15.64
CA PRO G 31 1.52 -8.00 16.54
C PRO G 31 2.29 -8.65 17.67
N GLN G 32 1.77 -8.48 18.89
CA GLN G 32 2.28 -9.18 20.05
C GLN G 32 2.02 -10.68 19.99
N ARG G 33 1.36 -11.14 18.92
CA ARG G 33 1.12 -12.55 18.72
C ARG G 33 2.43 -13.32 18.70
N PRO G 34 2.56 -14.41 19.46
CA PRO G 34 3.79 -15.21 19.41
C PRO G 34 4.03 -15.78 18.03
N GLY G 35 5.31 -15.96 17.69
CA GLY G 35 5.66 -16.42 16.37
C GLY G 35 5.45 -15.37 15.29
N ALA G 36 5.54 -14.09 15.67
CA ALA G 36 5.26 -13.00 14.74
C ALA G 36 6.35 -12.90 13.67
N LEU G 37 7.61 -12.98 14.08
CA LEU G 37 8.69 -12.82 13.13
C LEU G 37 8.82 -14.03 12.22
N ARG G 38 8.46 -15.23 12.71
CA ARG G 38 8.50 -16.41 11.86
C ARG G 38 7.52 -16.28 10.70
N GLU G 39 6.28 -15.88 11.00
CA GLU G 39 5.27 -15.75 9.95
C GLU G 39 5.62 -14.65 8.96
N PHE G 40 6.31 -13.61 9.41
CA PHE G 40 6.66 -12.51 8.52
C PHE G 40 7.66 -12.96 7.47
N VAL G 41 8.67 -13.74 7.86
CA VAL G 41 9.70 -14.15 6.90
C VAL G 41 9.27 -15.37 6.11
N ASN G 42 8.42 -16.22 6.67
CA ASN G 42 8.04 -17.47 6.00
C ASN G 42 6.78 -17.33 5.15
N ASP G 43 5.89 -16.41 5.51
CA ASP G 43 4.63 -16.25 4.78
C ASP G 43 4.58 -14.94 4.00
N VAL G 44 4.73 -13.80 4.68
CA VAL G 44 4.56 -12.53 3.98
C VAL G 44 5.79 -12.19 3.15
N LEU G 45 6.96 -12.74 3.50
CA LEU G 45 8.18 -12.49 2.76
C LEU G 45 8.38 -13.58 1.71
N GLY G 46 8.76 -13.16 0.50
CA GLY G 46 9.02 -14.09 -0.58
C GLY G 46 10.23 -14.95 -0.29
N PRO G 47 10.48 -15.93 -1.16
CA PRO G 47 11.60 -16.85 -0.92
C PRO G 47 12.96 -16.18 -0.97
N GLN G 48 13.17 -15.27 -1.92
CA GLN G 48 14.46 -14.60 -2.10
C GLN G 48 14.41 -13.14 -1.68
N ASP G 49 13.46 -12.76 -0.83
CA ASP G 49 13.37 -11.41 -0.30
C ASP G 49 14.24 -11.28 0.94
N ASP G 50 14.74 -10.06 1.16
CA ASP G 50 15.70 -9.81 2.23
C ASP G 50 15.34 -8.54 2.98
N ILE G 51 15.60 -8.54 4.27
CA ILE G 51 15.30 -7.43 5.15
C ILE G 51 16.53 -6.55 5.28
N THR G 52 16.43 -5.30 4.82
CA THR G 52 17.56 -4.38 4.87
C THR G 52 17.62 -3.58 6.16
N LYS G 53 16.52 -3.49 6.91
CA LYS G 53 16.47 -2.64 8.09
C LYS G 53 15.41 -3.18 9.04
N PHE G 54 15.67 -3.03 10.33
CA PHE G 54 14.72 -3.45 11.37
C PHE G 54 15.00 -2.58 12.59
N GLU G 55 14.24 -1.49 12.72
CA GLU G 55 14.43 -0.52 13.80
C GLU G 55 13.10 -0.31 14.52
N TYR G 56 13.18 0.30 15.70
CA TYR G 56 12.03 0.56 16.55
C TYR G 56 11.82 2.07 16.68
N LEU G 57 10.61 2.52 16.37
CA LEU G 57 10.29 3.93 16.57
C LEU G 57 10.01 4.22 18.04
N LYS G 58 9.04 3.53 18.61
CA LYS G 58 8.70 3.68 20.01
C LYS G 58 7.88 2.48 20.46
N LYS G 59 7.10 2.66 21.54
CA LYS G 59 6.31 1.59 22.14
C LYS G 59 7.17 0.45 22.68
N SER G 60 6.52 -0.54 23.28
CA SER G 60 7.20 -1.68 23.87
C SER G 60 6.57 -2.97 23.35
N SER G 61 7.26 -4.07 23.62
CA SER G 61 6.88 -5.39 23.15
C SER G 61 5.48 -5.81 23.61
N GLY G 65 4.59 -2.83 19.28
CA GLY G 65 5.66 -1.89 18.99
C GLY G 65 5.74 -1.44 17.55
N THR G 66 5.97 -0.14 17.36
CA THR G 66 6.10 0.43 16.02
C THR G 66 7.50 0.13 15.48
N VAL G 67 7.56 -0.59 14.36
CA VAL G 67 8.82 -1.09 13.81
C VAL G 67 8.99 -0.55 12.41
N ILE G 68 10.13 0.11 12.16
CA ILE G 68 10.54 0.47 10.82
C ILE G 68 11.31 -0.70 10.23
N ILE G 69 10.85 -1.21 9.09
CA ILE G 69 11.48 -2.36 8.45
C ILE G 69 11.59 -2.10 6.95
N GLY G 70 12.79 -2.27 6.42
CA GLY G 70 13.04 -2.09 4.99
C GLY G 70 13.36 -3.43 4.35
N ILE G 71 12.79 -3.65 3.17
CA ILE G 71 12.91 -4.93 2.46
C ILE G 71 13.38 -4.66 1.04
N GLN G 72 14.29 -5.50 0.55
CA GLN G 72 14.75 -5.46 -0.83
C GLN G 72 14.20 -6.66 -1.58
N LEU G 73 13.72 -6.43 -2.80
CA LEU G 73 13.03 -7.45 -3.57
C LEU G 73 13.81 -7.81 -4.81
N LYS G 74 13.74 -9.09 -5.20
CA LYS G 74 14.40 -9.54 -6.42
C LYS G 74 13.73 -8.92 -7.66
N ASP G 75 12.41 -9.00 -7.74
CA ASP G 75 11.64 -8.39 -8.80
C ASP G 75 10.69 -7.36 -8.19
N HIS G 76 10.58 -6.19 -8.83
CA HIS G 76 9.68 -5.17 -8.34
C HIS G 76 8.22 -5.55 -8.56
N ASP G 77 7.95 -6.67 -9.24
CA ASP G 77 6.57 -7.14 -9.37
C ASP G 77 6.11 -7.77 -8.07
N ASP G 78 7.03 -8.39 -7.32
CA ASP G 78 6.72 -9.05 -6.06
C ASP G 78 6.36 -8.02 -5.00
N LEU G 79 6.48 -6.74 -5.35
CA LEU G 79 6.12 -5.66 -4.45
C LEU G 79 4.61 -5.66 -4.17
N ILE G 80 3.80 -5.70 -5.22
CA ILE G 80 2.35 -5.75 -5.04
C ILE G 80 1.96 -6.99 -4.25
N GLN G 81 2.64 -8.12 -4.50
CA GLN G 81 2.43 -9.31 -3.69
C GLN G 81 2.81 -9.06 -2.24
N LEU G 82 3.97 -8.44 -2.03
CA LEU G 82 4.44 -8.16 -0.68
C LEU G 82 3.49 -7.22 0.05
N LYS G 83 3.12 -6.11 -0.58
CA LYS G 83 2.19 -5.17 0.04
C LYS G 83 0.90 -5.86 0.42
N GLN G 84 0.37 -6.71 -0.46
CA GLN G 84 -0.84 -7.46 -0.14
C GLN G 84 -0.61 -8.36 1.07
N ARG G 85 0.52 -9.08 1.09
CA ARG G 85 0.80 -9.95 2.23
C ARG G 85 1.14 -9.15 3.49
N VAL G 86 1.72 -7.96 3.32
CA VAL G 86 1.94 -7.10 4.47
C VAL G 86 0.61 -6.56 5.00
N ASN G 87 -0.33 -6.29 4.10
CA ASN G 87 -1.62 -5.75 4.52
C ASN G 87 -2.40 -6.76 5.36
N HIS G 88 -2.15 -8.05 5.17
CA HIS G 88 -2.79 -9.05 6.00
C HIS G 88 -2.05 -9.27 7.32
N PHE G 89 -0.72 -9.15 7.30
CA PHE G 89 0.06 -9.27 8.53
C PHE G 89 -0.31 -8.15 9.51
N ASP G 90 -0.20 -6.90 9.06
CA ASP G 90 -0.64 -5.74 9.83
C ASP G 90 -1.43 -4.82 8.91
N PRO G 91 -2.76 -4.83 8.98
CA PRO G 91 -3.55 -3.87 8.19
C PRO G 91 -3.25 -2.43 8.51
N SER G 92 -2.73 -2.14 9.71
CA SER G 92 -2.34 -0.79 10.09
C SER G 92 -0.94 -0.44 9.59
N ASN G 93 -0.40 -1.19 8.63
CA ASN G 93 0.92 -0.88 8.10
C ASN G 93 0.90 0.44 7.35
N ILE G 94 2.09 1.01 7.19
CA ILE G 94 2.26 2.29 6.51
C ILE G 94 3.45 2.17 5.58
N TYR G 95 3.19 2.18 4.27
CA TYR G 95 4.28 2.20 3.30
C TYR G 95 4.93 3.57 3.32
N ILE G 96 6.25 3.59 3.55
CA ILE G 96 6.94 4.85 3.81
C ILE G 96 7.32 5.57 2.51
N ASN G 97 7.73 4.83 1.49
CA ASN G 97 8.28 5.46 0.29
C ASN G 97 7.31 6.41 -0.39
N GLU G 98 6.02 6.28 -0.10
CA GLU G 98 5.04 7.21 -0.69
C GLU G 98 5.11 8.57 -0.02
N ASN G 99 5.00 8.60 1.31
CA ASN G 99 5.04 9.85 2.06
C ASN G 99 6.48 10.37 2.08
N LYS G 100 6.70 11.53 1.46
CA LYS G 100 8.04 12.11 1.42
C LYS G 100 8.49 12.56 2.81
N MET G 101 7.56 13.07 3.62
CA MET G 101 7.92 13.56 4.95
C MET G 101 8.47 12.43 5.81
N LEU G 102 7.76 11.29 5.84
CA LEU G 102 8.23 10.16 6.62
C LEU G 102 9.48 9.55 6.02
N TYR G 103 9.59 9.56 4.69
CA TYR G 103 10.75 8.96 4.04
C TYR G 103 12.02 9.74 4.37
N SER G 104 11.91 11.06 4.48
CA SER G 104 13.09 11.88 4.76
C SER G 104 13.55 11.70 6.21
N LEU G 105 12.59 11.73 7.14
CA LEU G 105 12.95 11.69 8.57
C LEU G 105 13.45 10.32 8.98
N LEU G 106 12.91 9.26 8.40
CA LEU G 106 13.24 7.91 8.84
C LEU G 106 14.39 7.27 8.08
N ILE G 107 14.66 7.73 6.85
CA ILE G 107 15.74 7.15 6.07
C ILE G 107 16.95 8.08 6.07
N MET H 22 11.45 -17.66 31.26
CA MET H 22 12.54 -18.49 30.74
C MET H 22 12.96 -18.05 29.35
N LYS H 23 13.57 -16.87 29.28
CA LYS H 23 14.02 -16.29 28.03
C LYS H 23 15.54 -16.27 27.99
N HIS H 24 16.10 -16.62 26.82
CA HIS H 24 17.54 -16.67 26.60
C HIS H 24 17.92 -15.63 25.56
N TYR H 25 18.96 -14.85 25.86
CA TYR H 25 19.36 -13.72 25.03
C TYR H 25 20.78 -13.93 24.51
N PHE H 26 20.98 -13.59 23.24
CA PHE H 26 22.28 -13.71 22.60
C PHE H 26 22.61 -12.42 21.85
N ILE H 27 23.90 -12.25 21.57
CA ILE H 27 24.39 -11.21 20.67
C ILE H 27 24.92 -11.90 19.43
N LEU H 28 24.53 -11.40 18.26
CA LEU H 28 24.88 -12.03 17.01
C LEU H 28 25.38 -10.99 16.00
N ASN H 29 26.25 -11.44 15.11
CA ASN H 29 26.77 -10.63 14.01
C ASN H 29 26.26 -11.24 12.71
N PHE H 30 25.17 -10.69 12.20
CA PHE H 30 24.54 -11.23 11.00
C PHE H 30 25.45 -11.05 9.78
N PRO H 31 25.80 -12.11 9.07
CA PRO H 31 26.60 -11.94 7.85
C PRO H 31 25.85 -11.15 6.80
N GLN H 32 26.60 -10.41 5.98
CA GLN H 32 25.99 -9.59 4.95
C GLN H 32 25.33 -10.41 3.85
N ARG H 33 25.47 -11.73 3.87
CA ARG H 33 24.80 -12.57 2.89
C ARG H 33 23.29 -12.43 3.04
N PRO H 34 22.55 -12.22 1.96
CA PRO H 34 21.10 -12.04 2.07
C PRO H 34 20.41 -13.28 2.61
N GLY H 35 19.21 -13.07 3.14
CA GLY H 35 18.44 -14.16 3.72
C GLY H 35 18.99 -14.70 5.00
N ALA H 36 19.86 -13.95 5.68
CA ALA H 36 20.48 -14.43 6.92
C ALA H 36 19.44 -14.60 8.02
N LEU H 37 18.46 -13.69 8.07
CA LEU H 37 17.43 -13.79 9.11
C LEU H 37 16.45 -14.90 8.81
N ARG H 38 16.15 -15.14 7.53
CA ARG H 38 15.28 -16.26 7.17
C ARG H 38 15.95 -17.59 7.51
N GLU H 39 17.28 -17.66 7.32
CA GLU H 39 18.00 -18.86 7.72
C GLU H 39 17.97 -19.02 9.23
N PHE H 40 18.14 -17.92 9.98
CA PHE H 40 18.13 -17.99 11.43
C PHE H 40 16.76 -18.44 11.95
N VAL H 41 15.68 -18.02 11.27
CA VAL H 41 14.34 -18.36 11.73
C VAL H 41 14.00 -19.80 11.39
N ASN H 42 14.29 -20.21 10.16
CA ASN H 42 13.87 -21.54 9.71
C ASN H 42 14.83 -22.63 10.18
N ASP H 43 16.14 -22.35 10.13
CA ASP H 43 17.17 -23.34 10.46
C ASP H 43 17.63 -23.25 11.91
N VAL H 44 18.12 -22.08 12.33
CA VAL H 44 18.68 -21.97 13.68
C VAL H 44 17.59 -22.03 14.74
N LEU H 45 16.54 -21.21 14.58
CA LEU H 45 15.45 -21.21 15.53
C LEU H 45 14.77 -22.57 15.57
N GLY H 46 14.34 -22.98 16.77
CA GLY H 46 13.72 -24.28 16.97
C GLY H 46 12.47 -24.46 16.15
N PRO H 47 12.00 -25.71 16.05
CA PRO H 47 10.80 -25.98 15.26
C PRO H 47 9.57 -25.25 15.77
N GLN H 48 9.46 -25.06 17.07
CA GLN H 48 8.32 -24.38 17.67
C GLN H 48 8.74 -23.19 18.54
N ASP H 49 10.00 -22.80 18.51
CA ASP H 49 10.47 -21.69 19.32
C ASP H 49 10.05 -20.36 18.70
N ASP H 50 10.02 -19.33 19.53
CA ASP H 50 9.60 -17.99 19.12
C ASP H 50 10.63 -16.96 19.56
N ILE H 51 10.46 -15.73 19.07
CA ILE H 51 11.40 -14.64 19.30
C ILE H 51 10.69 -13.57 20.11
N THR H 52 11.40 -13.01 21.11
CA THR H 52 10.84 -12.01 21.99
C THR H 52 11.52 -10.65 21.91
N LYS H 53 12.72 -10.56 21.35
CA LYS H 53 13.42 -9.28 21.32
C LYS H 53 14.33 -9.23 20.10
N PHE H 54 14.49 -8.03 19.55
CA PHE H 54 15.39 -7.77 18.43
C PHE H 54 15.83 -6.31 18.49
N GLU H 55 17.14 -6.09 18.50
CA GLU H 55 17.71 -4.74 18.44
C GLU H 55 18.92 -4.76 17.52
N TYR H 56 19.37 -3.57 17.12
CA TYR H 56 20.41 -3.41 16.12
C TYR H 56 21.49 -2.46 16.62
N LEU H 57 22.76 -2.81 16.32
CA LEU H 57 23.92 -2.01 16.67
C LEU H 57 24.92 -2.16 15.52
N LYS H 58 24.58 -1.56 14.38
CA LYS H 58 25.34 -1.71 13.14
C LYS H 58 25.94 -0.39 12.73
N LYS H 59 27.09 -0.46 12.06
CA LYS H 59 27.77 0.73 11.53
C LYS H 59 27.86 0.68 10.00
N GLY H 65 25.97 -6.77 11.41
CA GLY H 65 25.39 -5.87 12.40
C GLY H 65 25.17 -6.51 13.76
N THR H 66 25.75 -5.90 14.79
CA THR H 66 25.58 -6.40 16.15
C THR H 66 24.12 -6.30 16.58
N VAL H 67 23.51 -7.44 16.88
CA VAL H 67 22.10 -7.51 17.23
C VAL H 67 21.93 -8.15 18.59
N ILE H 68 20.95 -7.68 19.35
CA ILE H 68 20.58 -8.24 20.64
C ILE H 68 19.25 -8.96 20.45
N ILE H 69 19.29 -10.29 20.44
CA ILE H 69 18.13 -11.11 20.14
C ILE H 69 17.76 -11.93 21.37
N GLY H 70 16.47 -12.01 21.65
CA GLY H 70 15.96 -12.84 22.74
C GLY H 70 14.96 -13.87 22.26
N ILE H 71 15.18 -15.13 22.63
CA ILE H 71 14.38 -16.26 22.16
C ILE H 71 13.77 -16.96 23.35
N GLN H 72 12.47 -17.23 23.28
CA GLN H 72 11.75 -18.01 24.28
C GLN H 72 11.56 -19.43 23.77
N LEU H 73 11.41 -20.36 24.71
CA LEU H 73 11.39 -21.78 24.39
C LEU H 73 10.33 -22.49 25.21
N LYS H 74 9.79 -23.57 24.66
CA LYS H 74 8.83 -24.39 25.39
C LYS H 74 9.48 -25.03 26.60
N ASP H 75 10.55 -25.79 26.38
CA ASP H 75 11.32 -26.42 27.44
C ASP H 75 12.69 -25.76 27.54
N HIS H 76 13.27 -25.86 28.74
CA HIS H 76 14.57 -25.29 29.03
C HIS H 76 15.72 -26.17 28.55
N ASP H 77 15.44 -27.24 27.82
CA ASP H 77 16.45 -28.21 27.42
C ASP H 77 16.74 -28.19 25.93
N ASP H 78 16.17 -27.24 25.18
CA ASP H 78 16.54 -27.05 23.79
C ASP H 78 17.52 -25.90 23.60
N LEU H 79 17.91 -25.24 24.70
CA LEU H 79 18.97 -24.23 24.64
C LEU H 79 20.28 -24.85 24.15
N ILE H 80 20.51 -26.12 24.46
CA ILE H 80 21.72 -26.80 24.01
C ILE H 80 21.80 -26.79 22.49
N GLN H 81 20.77 -27.35 21.83
CA GLN H 81 20.74 -27.34 20.37
C GLN H 81 20.65 -25.93 19.82
N LEU H 82 20.00 -25.02 20.53
CA LEU H 82 19.87 -23.65 20.05
C LEU H 82 21.23 -22.97 20.03
N LYS H 83 21.99 -23.09 21.12
CA LYS H 83 23.33 -22.52 21.14
C LYS H 83 24.21 -23.08 20.04
N GLN H 84 24.11 -24.40 19.79
CA GLN H 84 24.93 -25.03 18.76
C GLN H 84 24.62 -24.45 17.39
N ARG H 85 23.34 -24.30 17.06
CA ARG H 85 22.96 -23.70 15.79
C ARG H 85 23.38 -22.24 15.74
N VAL H 86 23.26 -21.54 16.86
CA VAL H 86 23.73 -20.15 16.92
C VAL H 86 25.24 -20.09 16.76
N ASN H 87 25.95 -21.07 17.31
CA ASN H 87 27.40 -21.09 17.20
C ASN H 87 27.86 -21.31 15.77
N HIS H 88 27.05 -21.98 14.95
CA HIS H 88 27.37 -22.09 13.54
C HIS H 88 26.98 -20.85 12.76
N PHE H 89 25.91 -20.17 13.18
CA PHE H 89 25.49 -18.93 12.54
C PHE H 89 26.55 -17.86 12.74
N ASP H 90 26.77 -17.46 13.99
CA ASP H 90 27.82 -16.51 14.36
C ASP H 90 28.62 -17.10 15.51
N PRO H 91 29.79 -17.69 15.22
CA PRO H 91 30.60 -18.31 16.28
C PRO H 91 31.13 -17.33 17.31
N SER H 92 31.08 -16.02 17.03
CA SER H 92 31.47 -15.00 17.98
C SER H 92 30.30 -14.53 18.84
N ASN H 93 29.23 -15.32 18.90
CA ASN H 93 28.06 -14.93 19.66
C ASN H 93 28.38 -14.88 21.16
N ILE H 94 27.68 -13.99 21.86
CA ILE H 94 27.86 -13.80 23.29
C ILE H 94 26.54 -14.13 23.98
N TYR H 95 26.60 -15.03 24.96
CA TYR H 95 25.44 -15.35 25.77
C TYR H 95 25.30 -14.29 26.86
N ILE H 96 24.26 -13.47 26.78
CA ILE H 96 24.11 -12.37 27.73
C ILE H 96 23.74 -12.88 29.11
N ASN H 97 23.07 -14.04 29.18
CA ASN H 97 22.60 -14.53 30.47
C ASN H 97 23.75 -14.90 31.39
N GLU H 98 24.93 -15.23 30.83
CA GLU H 98 26.02 -15.72 31.67
C GLU H 98 26.68 -14.58 32.44
N ASN H 99 26.76 -13.40 31.83
CA ASN H 99 27.40 -12.26 32.46
C ASN H 99 26.34 -11.42 33.13
N LYS H 100 26.48 -11.23 34.44
CA LYS H 100 25.50 -10.45 35.19
C LYS H 100 25.42 -9.02 34.67
N MET H 101 26.57 -8.38 34.47
CA MET H 101 26.57 -6.99 34.05
C MET H 101 25.95 -6.83 32.67
N LEU H 102 26.24 -7.77 31.75
CA LEU H 102 25.62 -7.71 30.43
C LEU H 102 24.11 -7.89 30.51
N TYR H 103 23.67 -8.88 31.30
CA TYR H 103 22.23 -9.09 31.46
C TYR H 103 21.58 -7.91 32.16
N SER H 104 22.29 -7.30 33.12
CA SER H 104 21.74 -6.17 33.84
C SER H 104 21.66 -4.94 32.94
N LEU H 105 22.69 -4.69 32.14
CA LEU H 105 22.70 -3.49 31.30
C LEU H 105 21.77 -3.64 30.11
N LEU H 106 21.83 -4.77 29.41
CA LEU H 106 21.08 -4.95 28.18
C LEU H 106 19.66 -5.45 28.40
N ILE H 107 19.37 -6.05 29.55
CA ILE H 107 18.00 -6.46 29.87
C ILE H 107 17.56 -5.80 31.17
#